data_5AX7
#
_entry.id   5AX7
#
_cell.length_a   85.529
_cell.length_b   85.529
_cell.length_c   93.611
_cell.angle_alpha   90.00
_cell.angle_beta   90.00
_cell.angle_gamma   120.00
#
_symmetry.space_group_name_H-M   'P 31'
#
loop_
_entity.id
_entity.type
_entity.pdbx_description
1 polymer 'Pyruvyl transferase 1'
2 non-polymer 'ZINC ION'
3 water water
#
_entity_poly.entity_id   1
_entity_poly.type   'polypeptide(L)'
_entity_poly.pdbx_seq_one_letter_code
;KKPLFTKSPRNSASCESTITLQSNLLFTYYKHYFAGIKKVALIGFPDHPNKGDSAIYVAEKKLLDALNIEVVYITAQEAD
YSASELKSIISDIPRDEFALAFHGGGNFGDLYPDHQHLRELVVRDFPSFTTISFPQSVWYNEQQLLEQASILYAENPNIT
LVTRDRQSYGFAVDAFGKHNEVLLTPDIVFFMGPIPEIREATPITHDVLILARLDHEGGQQHGAEDYYRDTLNAANLTYS
VEDWLLWDPPVAQNPDSSFDDRGQARYEAGAEFLASARVVITDRLHAHILSTLMGIPHIVVENSQMGKITNYHNTWLHGC
TLDGVSVVVDSVDKALSLLLEWNEAGYF
;
_entity_poly.pdbx_strand_id   A,B
#
# COMPACT_ATOMS: atom_id res chain seq x y z
N LYS A 1 10.24 -25.70 10.01
CA LYS A 1 11.69 -25.33 9.98
C LYS A 1 12.25 -25.40 8.56
N LYS A 2 11.93 -26.47 7.85
CA LYS A 2 12.45 -26.68 6.50
C LYS A 2 11.83 -25.69 5.49
N PRO A 3 12.52 -25.43 4.36
CA PRO A 3 12.05 -24.46 3.38
C PRO A 3 10.71 -24.81 2.75
N LEU A 4 9.98 -23.79 2.31
CA LEU A 4 8.71 -23.97 1.59
C LEU A 4 8.97 -24.57 0.21
N PHE A 5 9.98 -24.02 -0.47
CA PHE A 5 10.48 -24.61 -1.71
C PHE A 5 11.71 -25.44 -1.40
N THR A 6 11.48 -26.73 -1.17
CA THR A 6 12.54 -27.69 -1.01
C THR A 6 13.04 -27.85 -2.44
N LYS A 7 14.35 -27.97 -2.61
CA LYS A 7 15.01 -28.00 -3.92
C LYS A 7 15.41 -26.60 -4.41
N SER A 8 15.08 -25.55 -3.67
CA SER A 8 15.61 -24.20 -3.94
C SER A 8 15.65 -23.41 -2.63
N PRO A 9 16.44 -23.90 -1.64
CA PRO A 9 16.34 -23.44 -0.25
C PRO A 9 16.68 -21.98 -0.01
N ARG A 10 17.75 -21.48 -0.63
CA ARG A 10 18.16 -20.09 -0.42
C ARG A 10 17.15 -19.11 -0.99
N ASN A 11 16.70 -19.38 -2.22
CA ASN A 11 15.66 -18.57 -2.86
C ASN A 11 14.30 -18.68 -2.17
N SER A 12 14.04 -19.82 -1.53
CA SER A 12 12.80 -20.04 -0.79
C SER A 12 12.61 -19.02 0.33
N ALA A 13 13.70 -18.68 1.01
CA ALA A 13 13.66 -17.72 2.12
C ALA A 13 13.11 -16.37 1.69
N SER A 14 13.53 -15.90 0.52
CA SER A 14 13.08 -14.62 -0.03
C SER A 14 11.57 -14.61 -0.30
N CYS A 15 11.05 -15.70 -0.86
CA CYS A 15 9.62 -15.76 -1.18
C CYS A 15 8.75 -15.95 0.06
N GLU A 16 9.27 -16.66 1.05
CA GLU A 16 8.58 -16.83 2.32
C GLU A 16 8.44 -15.50 3.06
N SER A 17 9.47 -14.67 2.99
CA SER A 17 9.42 -13.32 3.55
C SER A 17 8.35 -12.49 2.86
N THR A 18 8.28 -12.60 1.53
CA THR A 18 7.30 -11.87 0.72
C THR A 18 5.88 -12.31 1.03
N ILE A 19 5.68 -13.60 1.26
CA ILE A 19 4.37 -14.11 1.69
C ILE A 19 3.98 -13.50 3.04
N THR A 20 4.90 -13.52 3.98
CA THR A 20 4.69 -12.95 5.32
C THR A 20 4.38 -11.46 5.26
N LEU A 21 5.08 -10.72 4.41
CA LEU A 21 4.81 -9.29 4.24
C LEU A 21 3.37 -9.05 3.81
N GLN A 22 2.95 -9.74 2.76
CA GLN A 22 1.60 -9.58 2.23
C GLN A 22 0.53 -9.95 3.25
N SER A 23 0.77 -11.04 3.99
CA SER A 23 -0.15 -11.50 5.02
C SER A 23 -0.30 -10.47 6.15
N ASN A 24 0.82 -9.87 6.57
CA ASN A 24 0.80 -8.84 7.60
C ASN A 24 0.08 -7.56 7.17
N LEU A 25 0.32 -7.12 5.93
CA LEU A 25 -0.34 -5.93 5.40
C LEU A 25 -1.85 -6.12 5.32
N LEU A 26 -2.28 -7.29 4.84
CA LEU A 26 -3.70 -7.62 4.80
C LEU A 26 -4.32 -7.49 6.20
N PHE A 27 -3.67 -8.10 7.19
CA PHE A 27 -4.14 -8.05 8.57
C PHE A 27 -4.19 -6.61 9.07
N THR A 28 -3.09 -5.88 8.91
CA THR A 28 -2.99 -4.50 9.39
C THR A 28 -4.06 -3.59 8.79
N TYR A 29 -4.29 -3.70 7.48
CA TYR A 29 -5.29 -2.87 6.82
C TYR A 29 -6.71 -3.25 7.27
N TYR A 30 -7.04 -4.53 7.22
CA TYR A 30 -8.40 -4.97 7.50
C TYR A 30 -8.77 -4.95 8.99
N LYS A 31 -7.78 -5.15 9.86
CA LYS A 31 -7.99 -4.95 11.28
C LYS A 31 -8.46 -3.52 11.54
N HIS A 32 -7.76 -2.55 10.93
CA HIS A 32 -8.12 -1.14 11.07
C HIS A 32 -9.51 -0.84 10.52
N TYR A 33 -9.77 -1.21 9.26
CA TYR A 33 -11.01 -0.84 8.60
C TYR A 33 -12.24 -1.62 9.07
N PHE A 34 -12.02 -2.78 9.70
CA PHE A 34 -13.10 -3.54 10.34
C PHE A 34 -13.18 -3.27 11.85
N ALA A 35 -12.49 -2.25 12.34
CA ALA A 35 -12.53 -1.91 13.77
C ALA A 35 -13.96 -1.74 14.24
N GLY A 36 -14.33 -2.45 15.31
CA GLY A 36 -15.66 -2.38 15.89
C GLY A 36 -16.67 -3.36 15.31
N ILE A 37 -16.35 -3.94 14.15
CA ILE A 37 -17.28 -4.81 13.45
C ILE A 37 -17.25 -6.21 14.06
N LYS A 38 -18.42 -6.78 14.31
CA LYS A 38 -18.56 -8.14 14.82
C LYS A 38 -19.22 -9.09 13.82
N LYS A 39 -20.11 -8.55 12.97
CA LYS A 39 -20.86 -9.37 12.03
C LYS A 39 -20.85 -8.76 10.64
N VAL A 40 -20.89 -9.61 9.63
CA VAL A 40 -20.70 -9.19 8.24
C VAL A 40 -21.62 -9.95 7.29
N ALA A 41 -22.10 -9.27 6.26
CA ALA A 41 -22.76 -9.90 5.13
C ALA A 41 -21.78 -9.91 3.95
N LEU A 42 -21.57 -11.09 3.35
CA LEU A 42 -20.71 -11.21 2.18
C LEU A 42 -21.53 -11.07 0.89
N ILE A 43 -21.16 -10.09 0.07
CA ILE A 43 -21.89 -9.80 -1.15
C ILE A 43 -21.04 -10.21 -2.36
N GLY A 44 -21.63 -10.99 -3.26
CA GLY A 44 -20.98 -11.41 -4.49
C GLY A 44 -20.19 -12.70 -4.37
N PHE A 45 -20.72 -13.64 -3.58
CA PHE A 45 -20.07 -14.94 -3.41
C PHE A 45 -19.96 -15.64 -4.77
N PRO A 46 -18.78 -16.22 -5.08
CA PRO A 46 -18.58 -16.80 -6.39
C PRO A 46 -19.17 -18.20 -6.51
N ASP A 47 -20.46 -18.28 -6.82
CA ASP A 47 -21.13 -19.57 -6.97
C ASP A 47 -20.99 -20.07 -8.41
N HIS A 48 -19.77 -20.47 -8.75
CA HIS A 48 -19.44 -20.97 -10.08
C HIS A 48 -18.08 -21.69 -10.00
N PRO A 49 -17.71 -22.46 -11.04
CA PRO A 49 -16.58 -23.39 -10.94
C PRO A 49 -15.15 -22.81 -10.80
N ASN A 50 -14.95 -21.50 -10.94
CA ASN A 50 -13.60 -20.95 -10.89
C ASN A 50 -12.90 -21.19 -9.54
N LYS A 51 -11.81 -21.92 -9.59
CA LYS A 51 -11.07 -22.33 -8.38
C LYS A 51 -10.42 -21.17 -7.64
N GLY A 52 -9.91 -20.20 -8.38
CA GLY A 52 -9.27 -19.02 -7.79
C GLY A 52 -10.23 -18.17 -6.96
N ASP A 53 -11.44 -17.99 -7.48
CA ASP A 53 -12.45 -17.18 -6.81
C ASP A 53 -12.95 -17.84 -5.53
N SER A 54 -12.99 -19.17 -5.53
CA SER A 54 -13.35 -19.92 -4.33
C SER A 54 -12.22 -19.88 -3.29
N ALA A 55 -10.97 -19.87 -3.77
CA ALA A 55 -9.83 -19.69 -2.88
C ALA A 55 -9.85 -18.30 -2.24
N ILE A 56 -10.31 -17.31 -2.99
CA ILE A 56 -10.54 -15.96 -2.46
C ILE A 56 -11.56 -16.01 -1.32
N TYR A 57 -12.66 -16.74 -1.51
CA TYR A 57 -13.66 -16.90 -0.46
C TYR A 57 -13.10 -17.51 0.83
N VAL A 58 -12.31 -18.57 0.72
CA VAL A 58 -11.79 -19.25 1.90
C VAL A 58 -10.84 -18.33 2.68
N ALA A 59 -10.01 -17.60 1.94
CA ALA A 59 -9.08 -16.64 2.54
C ALA A 59 -9.83 -15.49 3.22
N GLU A 60 -10.99 -15.13 2.66
CA GLU A 60 -11.85 -14.12 3.28
C GLU A 60 -12.41 -14.62 4.61
N LYS A 61 -12.89 -15.86 4.61
CA LYS A 61 -13.31 -16.53 5.85
C LYS A 61 -12.22 -16.54 6.90
N LYS A 62 -11.01 -16.93 6.47
CA LYS A 62 -9.88 -17.04 7.38
C LYS A 62 -9.56 -15.69 8.05
N LEU A 63 -9.52 -14.63 7.26
CA LEU A 63 -9.24 -13.29 7.78
C LEU A 63 -10.33 -12.82 8.73
N LEU A 64 -11.59 -13.02 8.35
CA LEU A 64 -12.72 -12.65 9.19
C LEU A 64 -12.70 -13.41 10.52
N ASP A 65 -12.39 -14.70 10.47
CA ASP A 65 -12.21 -15.52 11.68
C ASP A 65 -11.07 -14.99 12.56
N ALA A 66 -9.96 -14.59 11.93
CA ALA A 66 -8.82 -14.02 12.67
C ALA A 66 -9.14 -12.69 13.35
N LEU A 67 -10.15 -11.98 12.85
CA LEU A 67 -10.59 -10.72 13.45
C LEU A 67 -11.85 -10.90 14.33
N ASN A 68 -12.19 -12.15 14.62
CA ASN A 68 -13.42 -12.48 15.35
C ASN A 68 -14.65 -11.79 14.75
N ILE A 69 -14.86 -12.00 13.46
CA ILE A 69 -16.03 -11.48 12.76
C ILE A 69 -16.78 -12.65 12.16
N GLU A 70 -18.10 -12.68 12.39
CA GLU A 70 -18.96 -13.75 11.91
C GLU A 70 -19.64 -13.36 10.60
N VAL A 71 -19.67 -14.28 9.65
CA VAL A 71 -20.44 -14.12 8.43
C VAL A 71 -21.87 -14.55 8.73
N VAL A 72 -22.81 -13.60 8.77
CA VAL A 72 -24.21 -13.88 9.10
C VAL A 72 -25.12 -13.95 7.87
N TYR A 73 -24.58 -13.66 6.70
CA TYR A 73 -25.37 -13.69 5.46
C TYR A 73 -24.45 -13.72 4.24
N ILE A 74 -24.87 -14.48 3.22
CA ILE A 74 -24.13 -14.57 1.97
C ILE A 74 -25.12 -14.50 0.80
N THR A 75 -24.79 -13.70 -0.20
CA THR A 75 -25.49 -13.71 -1.48
C THR A 75 -24.50 -13.87 -2.61
N ALA A 76 -24.84 -14.71 -3.57
CA ALA A 76 -24.04 -14.90 -4.78
C ALA A 76 -24.55 -14.03 -5.91
N GLN A 77 -25.84 -14.17 -6.21
CA GLN A 77 -26.49 -13.46 -7.31
C GLN A 77 -27.74 -12.75 -6.84
N GLU A 78 -28.28 -11.92 -7.73
CA GLU A 78 -29.54 -11.23 -7.48
C GLU A 78 -30.69 -12.20 -7.24
N ALA A 79 -30.68 -13.33 -7.96
CA ALA A 79 -31.74 -14.33 -7.86
C ALA A 79 -31.91 -14.89 -6.44
N ASP A 80 -30.80 -15.07 -5.72
CA ASP A 80 -30.84 -15.61 -4.36
C ASP A 80 -30.86 -14.53 -3.27
N TYR A 81 -30.62 -13.28 -3.66
CA TYR A 81 -30.66 -12.15 -2.73
C TYR A 81 -32.07 -11.90 -2.21
N SER A 82 -32.17 -11.61 -0.91
CA SER A 82 -33.43 -11.25 -0.28
C SER A 82 -33.21 -10.12 0.73
N ALA A 83 -33.76 -8.95 0.44
CA ALA A 83 -33.65 -7.79 1.33
C ALA A 83 -34.38 -8.01 2.66
N SER A 84 -35.53 -8.66 2.61
CA SER A 84 -36.32 -8.92 3.82
C SER A 84 -35.55 -9.82 4.77
N GLU A 85 -34.97 -10.89 4.23
CA GLU A 85 -34.20 -11.85 5.02
C GLU A 85 -32.97 -11.19 5.65
N LEU A 86 -32.27 -10.35 4.91
CA LEU A 86 -31.11 -9.62 5.45
C LEU A 86 -31.53 -8.57 6.48
N LYS A 87 -32.64 -7.90 6.22
CA LYS A 87 -33.17 -6.89 7.16
C LYS A 87 -33.50 -7.49 8.52
N SER A 88 -34.03 -8.71 8.53
CA SER A 88 -34.38 -9.41 9.77
C SER A 88 -33.14 -9.92 10.50
N ILE A 89 -32.14 -10.37 9.73
CA ILE A 89 -30.90 -10.88 10.30
C ILE A 89 -30.14 -9.78 11.05
N ILE A 90 -30.14 -8.56 10.51
CA ILE A 90 -29.41 -7.44 11.13
C ILE A 90 -30.26 -6.60 12.07
N SER A 91 -31.55 -6.89 12.16
CA SER A 91 -32.43 -6.14 13.07
C SER A 91 -31.88 -6.07 14.48
N ASP A 92 -31.37 -7.19 14.99
CA ASP A 92 -30.87 -7.27 16.36
C ASP A 92 -29.39 -6.90 16.54
N ILE A 93 -28.75 -6.40 15.47
CA ILE A 93 -27.34 -6.03 15.52
C ILE A 93 -27.17 -4.52 15.61
N PRO A 94 -26.36 -4.04 16.56
CA PRO A 94 -26.03 -2.60 16.62
C PRO A 94 -25.38 -2.12 15.32
N ARG A 95 -25.82 -0.97 14.82
CA ARG A 95 -25.34 -0.40 13.55
C ARG A 95 -23.83 -0.49 13.38
N ASP A 96 -23.08 -0.05 14.39
CA ASP A 96 -21.62 0.02 14.31
C ASP A 96 -20.91 -1.33 14.43
N GLU A 97 -21.66 -2.40 14.67
CA GLU A 97 -21.10 -3.77 14.73
C GLU A 97 -21.31 -4.54 13.42
N PHE A 98 -22.07 -3.98 12.48
CA PHE A 98 -22.37 -4.65 11.22
C PHE A 98 -21.72 -3.96 10.03
N ALA A 99 -21.17 -4.75 9.11
CA ALA A 99 -20.59 -4.22 7.86
C ALA A 99 -21.04 -5.03 6.65
N LEU A 100 -21.03 -4.39 5.49
CA LEU A 100 -21.18 -5.07 4.21
C LEU A 100 -19.79 -5.31 3.64
N ALA A 101 -19.53 -6.54 3.19
CA ALA A 101 -18.25 -6.89 2.60
C ALA A 101 -18.45 -7.40 1.18
N PHE A 102 -17.82 -6.73 0.22
CA PHE A 102 -17.90 -7.16 -1.18
C PHE A 102 -16.83 -8.21 -1.43
N HIS A 103 -17.26 -9.35 -1.97
CA HIS A 103 -16.33 -10.40 -2.35
C HIS A 103 -15.32 -9.84 -3.35
N GLY A 104 -14.05 -10.18 -3.16
CA GLY A 104 -12.97 -9.61 -3.95
C GLY A 104 -12.74 -10.34 -5.25
N GLY A 105 -11.58 -10.10 -5.84
CA GLY A 105 -11.20 -10.72 -7.12
C GLY A 105 -11.49 -9.83 -8.31
N GLY A 106 -11.54 -10.44 -9.49
CA GLY A 106 -11.81 -9.72 -10.73
C GLY A 106 -13.29 -9.73 -11.04
N ASN A 107 -14.03 -8.86 -10.37
CA ASN A 107 -15.49 -8.76 -10.55
C ASN A 107 -15.95 -7.30 -10.63
N PHE A 108 -15.05 -6.44 -11.08
CA PHE A 108 -15.28 -5.00 -11.07
C PHE A 108 -14.79 -4.44 -12.40
N GLY A 109 -15.68 -4.37 -13.38
CA GLY A 109 -15.33 -3.92 -14.71
C GLY A 109 -16.39 -4.19 -15.76
N ASP A 110 -16.01 -4.03 -17.02
CA ASP A 110 -16.92 -4.15 -18.17
C ASP A 110 -17.64 -5.49 -18.20
N LEU A 111 -16.89 -6.55 -17.91
CA LEU A 111 -17.41 -7.93 -18.05
C LEU A 111 -18.28 -8.39 -16.88
N TYR A 112 -18.44 -7.55 -15.85
CA TYR A 112 -19.11 -7.97 -14.63
C TYR A 112 -20.21 -7.01 -14.17
N PRO A 113 -21.20 -6.74 -15.03
CA PRO A 113 -22.31 -5.86 -14.64
C PRO A 113 -23.25 -6.45 -13.58
N ASP A 114 -23.42 -7.78 -13.56
CA ASP A 114 -24.26 -8.44 -12.56
C ASP A 114 -23.66 -8.33 -11.16
N HIS A 115 -22.34 -8.45 -11.06
CA HIS A 115 -21.66 -8.32 -9.77
C HIS A 115 -21.83 -6.91 -9.23
N GLN A 116 -21.62 -5.92 -10.10
CA GLN A 116 -21.85 -4.51 -9.74
C GLN A 116 -23.30 -4.26 -9.36
N HIS A 117 -24.23 -4.84 -10.12
CA HIS A 117 -25.66 -4.66 -9.88
C HIS A 117 -26.09 -5.18 -8.51
N LEU A 118 -25.57 -6.32 -8.11
CA LEU A 118 -25.82 -6.87 -6.78
C LEU A 118 -25.29 -5.93 -5.68
N ARG A 119 -24.09 -5.37 -5.89
CA ARG A 119 -23.56 -4.36 -4.96
C ARG A 119 -24.49 -3.16 -4.84
N GLU A 120 -24.99 -2.68 -5.97
CA GLU A 120 -25.91 -1.54 -5.99
C GLU A 120 -27.20 -1.83 -5.21
N LEU A 121 -27.79 -3.00 -5.48
CA LEU A 121 -29.01 -3.42 -4.79
C LEU A 121 -28.85 -3.47 -3.27
N VAL A 122 -27.75 -4.05 -2.80
CA VAL A 122 -27.54 -4.27 -1.38
C VAL A 122 -27.25 -2.96 -0.63
N VAL A 123 -26.43 -2.10 -1.22
CA VAL A 123 -26.05 -0.83 -0.58
C VAL A 123 -27.23 0.14 -0.50
N ARG A 124 -28.08 0.15 -1.51
CA ARG A 124 -29.24 1.04 -1.52
C ARG A 124 -30.36 0.56 -0.59
N ASP A 125 -30.45 -0.75 -0.38
CA ASP A 125 -31.36 -1.31 0.63
C ASP A 125 -30.82 -1.07 2.04
N PHE A 126 -29.49 -1.10 2.18
CA PHE A 126 -28.83 -0.97 3.47
C PHE A 126 -27.71 0.07 3.45
N PRO A 127 -28.08 1.36 3.35
CA PRO A 127 -27.10 2.43 3.31
C PRO A 127 -26.55 2.80 4.70
N SER A 128 -25.47 3.57 4.71
CA SER A 128 -24.86 4.12 5.93
C SER A 128 -24.29 3.06 6.90
N PHE A 129 -23.94 1.89 6.38
CA PHE A 129 -23.18 0.91 7.15
C PHE A 129 -21.73 0.94 6.68
N THR A 130 -20.82 0.55 7.57
CA THR A 130 -19.44 0.31 7.18
C THR A 130 -19.47 -0.62 5.98
N THR A 131 -18.91 -0.17 4.86
CA THR A 131 -18.96 -0.91 3.60
C THR A 131 -17.59 -0.89 2.96
N ILE A 132 -17.07 -2.09 2.66
CA ILE A 132 -15.72 -2.23 2.15
C ILE A 132 -15.62 -3.47 1.27
N SER A 133 -14.72 -3.42 0.30
CA SER A 133 -14.47 -4.56 -0.57
C SER A 133 -13.25 -5.32 -0.10
N PHE A 134 -13.23 -6.60 -0.39
CA PHE A 134 -11.98 -7.36 -0.36
C PHE A 134 -11.22 -6.98 -1.62
N PRO A 135 -9.91 -7.25 -1.66
CA PRO A 135 -9.09 -6.68 -2.74
C PRO A 135 -9.54 -7.11 -4.14
N GLN A 136 -9.80 -6.11 -4.99
CA GLN A 136 -10.33 -6.36 -6.33
C GLN A 136 -9.38 -5.96 -7.43
N SER A 137 -9.52 -6.62 -8.58
CA SER A 137 -9.00 -6.10 -9.85
C SER A 137 -10.11 -5.22 -10.43
N VAL A 138 -9.72 -4.06 -10.95
CA VAL A 138 -10.69 -3.09 -11.44
C VAL A 138 -10.22 -2.48 -12.75
N TRP A 139 -11.05 -2.58 -13.78
CA TRP A 139 -10.80 -1.89 -15.04
C TRP A 139 -12.05 -1.80 -15.91
N TYR A 140 -12.30 -0.60 -16.44
CA TYR A 140 -13.35 -0.35 -17.42
C TYR A 140 -12.73 0.24 -18.68
N ASN A 141 -12.83 -0.49 -19.78
CA ASN A 141 -12.46 0.03 -21.10
C ASN A 141 -13.48 1.01 -21.66
N GLU A 142 -14.75 0.80 -21.32
CA GLU A 142 -15.85 1.63 -21.79
C GLU A 142 -16.22 2.72 -20.79
N GLN A 143 -16.17 3.97 -21.23
CA GLN A 143 -16.56 5.11 -20.40
C GLN A 143 -18.02 5.05 -19.95
N GLN A 144 -18.90 4.60 -20.86
CA GLN A 144 -20.35 4.57 -20.59
C GLN A 144 -20.65 3.66 -19.41
N LEU A 145 -20.02 2.48 -19.39
CA LEU A 145 -20.20 1.52 -18.31
C LEU A 145 -19.60 2.02 -17.00
N LEU A 146 -18.43 2.67 -17.11
CA LEU A 146 -17.79 3.27 -15.94
C LEU A 146 -18.64 4.38 -15.32
N GLU A 147 -19.22 5.22 -16.17
CA GLU A 147 -20.06 6.33 -15.71
C GLU A 147 -21.30 5.83 -14.96
N GLN A 148 -21.92 4.77 -15.48
CA GLN A 148 -23.04 4.13 -14.81
C GLN A 148 -22.64 3.62 -13.43
N ALA A 149 -21.55 2.84 -13.37
CA ALA A 149 -21.10 2.22 -12.13
C ALA A 149 -20.60 3.23 -11.09
N SER A 150 -20.15 4.40 -11.54
CA SER A 150 -19.60 5.42 -10.65
C SER A 150 -20.63 6.08 -9.74
N ILE A 151 -21.90 6.10 -10.16
CA ILE A 151 -22.94 6.79 -9.39
C ILE A 151 -23.12 6.17 -8.00
N LEU A 152 -23.07 4.84 -7.92
CA LEU A 152 -23.19 4.15 -6.62
C LEU A 152 -22.16 4.68 -5.62
N TYR A 153 -20.91 4.77 -6.06
CA TYR A 153 -19.80 5.09 -5.17
C TYR A 153 -19.77 6.57 -4.84
N ALA A 154 -20.17 7.40 -5.79
CA ALA A 154 -20.29 8.85 -5.56
C ALA A 154 -21.43 9.15 -4.57
N GLU A 155 -22.56 8.47 -4.74
CA GLU A 155 -23.72 8.66 -3.85
C GLU A 155 -23.55 8.00 -2.47
N ASN A 156 -22.57 7.11 -2.35
CA ASN A 156 -22.26 6.45 -1.07
C ASN A 156 -20.77 6.57 -0.72
N PRO A 157 -20.34 7.76 -0.26
CA PRO A 157 -18.94 8.03 0.07
C PRO A 157 -18.34 7.14 1.16
N ASN A 158 -19.18 6.52 1.97
CA ASN A 158 -18.73 5.59 3.02
C ASN A 158 -18.06 4.31 2.47
N ILE A 159 -18.40 3.93 1.24
CA ILE A 159 -17.83 2.72 0.64
C ILE A 159 -16.32 2.87 0.46
N THR A 160 -15.57 1.90 0.99
CA THR A 160 -14.13 1.86 0.84
C THR A 160 -13.76 0.81 -0.21
N LEU A 161 -13.03 1.23 -1.23
CA LEU A 161 -12.62 0.34 -2.30
C LEU A 161 -11.20 -0.16 -2.04
N VAL A 162 -11.03 -1.47 -2.10
CA VAL A 162 -9.71 -2.06 -1.96
C VAL A 162 -9.33 -2.72 -3.28
N THR A 163 -8.16 -2.33 -3.80
CA THR A 163 -7.63 -2.92 -5.02
C THR A 163 -6.42 -3.77 -4.67
N ARG A 164 -6.10 -4.72 -5.53
CA ARG A 164 -5.04 -5.69 -5.28
C ARG A 164 -3.80 -5.52 -6.16
N ASP A 165 -3.83 -4.58 -7.10
CA ASP A 165 -2.69 -4.33 -7.98
C ASP A 165 -2.56 -2.86 -8.37
N ARG A 166 -1.35 -2.47 -8.79
CA ARG A 166 -1.05 -1.06 -9.10
C ARG A 166 -1.91 -0.43 -10.21
N GLN A 167 -2.23 -1.18 -11.26
CA GLN A 167 -3.05 -0.65 -12.37
CA GLN A 167 -3.05 -0.65 -12.36
C GLN A 167 -4.50 -0.45 -11.92
N SER A 168 -5.03 -1.40 -11.15
CA SER A 168 -6.37 -1.29 -10.60
C SER A 168 -6.48 -0.12 -9.64
N TYR A 169 -5.45 0.04 -8.81
CA TYR A 169 -5.38 1.13 -7.85
C TYR A 169 -5.43 2.48 -8.57
N GLY A 170 -4.56 2.65 -9.56
CA GLY A 170 -4.51 3.88 -10.36
C GLY A 170 -5.84 4.16 -11.04
N PHE A 171 -6.46 3.13 -11.59
CA PHE A 171 -7.77 3.29 -12.22
C PHE A 171 -8.84 3.69 -11.21
N ALA A 172 -8.89 2.98 -10.08
CA ALA A 172 -9.88 3.23 -9.03
C ALA A 172 -9.74 4.63 -8.47
N VAL A 173 -8.50 5.07 -8.27
CA VAL A 173 -8.22 6.40 -7.77
C VAL A 173 -8.73 7.50 -8.71
N ASP A 174 -8.40 7.40 -10.00
CA ASP A 174 -8.84 8.39 -10.97
C ASP A 174 -10.36 8.42 -11.12
N ALA A 175 -10.99 7.25 -11.09
CA ALA A 175 -12.44 7.13 -11.31
C ALA A 175 -13.30 7.42 -10.07
N PHE A 176 -12.86 6.95 -8.91
CA PHE A 176 -13.67 7.04 -7.69
C PHE A 176 -13.03 7.84 -6.55
N GLY A 177 -11.79 8.30 -6.75
CA GLY A 177 -10.99 8.88 -5.66
C GLY A 177 -11.44 10.23 -5.13
N LYS A 178 -12.36 10.90 -5.83
CA LYS A 178 -12.93 12.16 -5.35
C LYS A 178 -13.77 11.95 -4.09
N HIS A 179 -14.53 10.86 -4.06
CA HIS A 179 -15.50 10.62 -2.99
C HIS A 179 -15.14 9.47 -2.03
N ASN A 180 -14.59 8.38 -2.56
CA ASN A 180 -14.32 7.18 -1.77
C ASN A 180 -12.83 6.99 -1.44
N GLU A 181 -12.57 6.39 -0.28
CA GLU A 181 -11.25 5.88 0.02
C GLU A 181 -10.93 4.73 -0.91
N VAL A 182 -9.73 4.72 -1.45
CA VAL A 182 -9.24 3.63 -2.28
C VAL A 182 -7.92 3.12 -1.69
N LEU A 183 -7.83 1.81 -1.49
CA LEU A 183 -6.65 1.19 -0.92
C LEU A 183 -5.96 0.27 -1.93
N LEU A 184 -4.68 0.03 -1.68
CA LEU A 184 -3.91 -0.98 -2.40
C LEU A 184 -3.34 -1.99 -1.40
N THR A 185 -3.89 -3.20 -1.42
CA THR A 185 -3.42 -4.27 -0.56
C THR A 185 -3.04 -5.47 -1.42
N PRO A 186 -2.41 -6.50 -0.82
CA PRO A 186 -2.23 -7.76 -1.53
C PRO A 186 -3.55 -8.46 -1.83
N ASP A 187 -3.49 -9.55 -2.59
CA ASP A 187 -4.65 -10.38 -2.84
C ASP A 187 -4.91 -11.16 -1.56
N ILE A 188 -6.18 -11.26 -1.19
CA ILE A 188 -6.58 -11.86 0.09
C ILE A 188 -6.06 -13.29 0.30
N VAL A 189 -5.86 -14.04 -0.79
CA VAL A 189 -5.41 -15.44 -0.69
C VAL A 189 -4.06 -15.57 0.03
N PHE A 190 -3.24 -14.51 0.00
CA PHE A 190 -1.98 -14.53 0.73
C PHE A 190 -2.11 -14.55 2.26
N PHE A 191 -3.32 -14.29 2.78
CA PHE A 191 -3.56 -14.43 4.21
C PHE A 191 -3.62 -15.90 4.66
N MET A 192 -3.68 -16.82 3.70
CA MET A 192 -3.63 -18.25 4.01
C MET A 192 -2.24 -18.64 4.50
N GLY A 193 -1.23 -17.86 4.11
CA GLY A 193 0.15 -18.13 4.48
C GLY A 193 0.67 -19.35 3.75
N PRO A 194 1.88 -19.82 4.12
CA PRO A 194 2.42 -21.04 3.55
C PRO A 194 1.53 -22.24 3.83
N ILE A 195 1.20 -23.01 2.79
CA ILE A 195 0.38 -24.21 2.93
C ILE A 195 1.03 -25.42 2.25
N PRO A 196 2.23 -25.81 2.70
CA PRO A 196 2.89 -26.97 2.11
C PRO A 196 2.23 -28.29 2.48
N GLU A 197 1.44 -28.30 3.55
CA GLU A 197 0.75 -29.51 4.01
C GLU A 197 0.00 -30.21 2.88
N ILE A 198 -0.67 -29.42 2.04
CA ILE A 198 -1.50 -29.97 0.96
C ILE A 198 -0.63 -30.47 -0.19
N ARG A 199 0.51 -29.83 -0.40
CA ARG A 199 1.49 -30.31 -1.38
C ARG A 199 1.99 -31.70 -0.98
N GLU A 200 2.27 -31.87 0.31
CA GLU A 200 2.83 -33.13 0.82
C GLU A 200 1.77 -34.23 0.94
N ALA A 201 0.53 -33.84 1.25
CA ALA A 201 -0.58 -34.79 1.38
C ALA A 201 -1.02 -35.37 0.03
N THR A 202 -0.98 -34.55 -1.02
CA THR A 202 -1.39 -34.98 -2.35
C THR A 202 -0.29 -35.80 -3.03
N PRO A 203 -0.65 -36.99 -3.57
CA PRO A 203 0.33 -37.79 -4.32
C PRO A 203 0.62 -37.24 -5.71
N ILE A 204 1.87 -37.33 -6.14
CA ILE A 204 2.28 -36.86 -7.45
C ILE A 204 1.81 -37.84 -8.52
N THR A 205 1.08 -37.33 -9.51
CA THR A 205 0.51 -38.17 -10.57
C THR A 205 1.14 -37.91 -11.94
N HIS A 206 1.53 -36.66 -12.21
CA HIS A 206 2.30 -36.32 -13.40
C HIS A 206 3.54 -35.52 -13.01
N ASP A 207 4.51 -35.43 -13.90
CA ASP A 207 5.70 -34.60 -13.65
C ASP A 207 5.36 -33.13 -13.85
N VAL A 208 4.64 -32.82 -14.93
CA VAL A 208 4.32 -31.45 -15.29
C VAL A 208 2.81 -31.29 -15.47
N LEU A 209 2.32 -30.10 -15.15
CA LEU A 209 0.93 -29.72 -15.39
C LEU A 209 0.92 -28.44 -16.20
N ILE A 210 0.25 -28.49 -17.35
CA ILE A 210 0.11 -27.31 -18.21
C ILE A 210 -1.33 -26.80 -18.08
N LEU A 211 -1.49 -25.75 -17.29
CA LEU A 211 -2.79 -25.13 -17.05
C LEU A 211 -2.83 -23.83 -17.84
N ALA A 212 -2.84 -23.95 -19.17
CA ALA A 212 -2.80 -22.80 -20.06
C ALA A 212 -3.36 -23.12 -21.45
N ARG A 213 -3.54 -22.07 -22.25
CA ARG A 213 -4.14 -22.17 -23.59
C ARG A 213 -3.06 -22.60 -24.57
N LEU A 214 -3.44 -23.40 -25.57
CA LEU A 214 -2.51 -23.87 -26.58
C LEU A 214 -3.14 -23.78 -27.97
N ASP A 230 0.57 -29.15 -30.01
CA ASP A 230 1.27 -29.63 -28.83
C ASP A 230 2.68 -30.08 -29.17
N THR A 231 3.50 -30.28 -28.14
CA THR A 231 4.90 -30.68 -28.31
C THR A 231 5.37 -31.57 -27.16
N LEU A 232 5.50 -32.87 -27.44
CA LEU A 232 6.12 -33.80 -26.50
C LEU A 232 7.64 -33.83 -26.70
N ASN A 233 8.33 -32.89 -26.06
CA ASN A 233 9.78 -32.93 -25.94
C ASN A 233 10.16 -33.98 -24.89
N ALA A 234 10.35 -35.21 -25.33
CA ALA A 234 10.62 -36.33 -24.43
C ALA A 234 11.99 -36.19 -23.75
N ALA A 235 12.00 -35.43 -22.65
CA ALA A 235 13.10 -35.37 -21.72
C ALA A 235 12.75 -36.23 -20.50
N ASN A 236 11.99 -37.30 -20.74
CA ASN A 236 11.54 -38.22 -19.70
C ASN A 236 10.66 -37.53 -18.66
N LEU A 237 9.61 -36.87 -19.14
CA LEU A 237 8.68 -36.11 -18.30
C LEU A 237 7.24 -36.28 -18.77
N THR A 238 6.39 -36.81 -17.88
CA THR A 238 4.96 -36.92 -18.17
C THR A 238 4.28 -35.56 -17.94
N TYR A 239 3.18 -35.34 -18.64
CA TYR A 239 2.50 -34.05 -18.59
C TYR A 239 0.97 -34.18 -18.74
N SER A 240 0.26 -33.20 -18.19
CA SER A 240 -1.19 -33.10 -18.32
C SER A 240 -1.56 -31.72 -18.81
N VAL A 241 -2.43 -31.65 -19.82
CA VAL A 241 -2.96 -30.39 -20.32
C VAL A 241 -4.44 -30.32 -19.96
N GLU A 242 -4.70 -30.10 -18.67
CA GLU A 242 -6.06 -30.00 -18.15
C GLU A 242 -6.41 -28.52 -17.95
N ASP A 243 -7.71 -28.25 -17.86
CA ASP A 243 -8.21 -26.93 -17.51
C ASP A 243 -9.00 -27.09 -16.22
N TRP A 244 -8.80 -26.18 -15.27
CA TRP A 244 -9.40 -26.31 -13.94
C TRP A 244 -10.74 -25.59 -13.82
N LEU A 245 -11.15 -24.94 -14.92
CA LEU A 245 -12.52 -24.47 -15.09
C LEU A 245 -13.36 -25.67 -15.53
N LEU A 246 -14.65 -25.44 -15.79
CA LEU A 246 -15.55 -26.46 -16.32
C LEU A 246 -15.85 -27.55 -15.28
N TRP A 247 -14.90 -28.47 -15.05
CA TRP A 247 -15.12 -29.55 -14.08
C TRP A 247 -15.21 -28.99 -12.67
N ASP A 248 -15.95 -29.71 -11.82
CA ASP A 248 -16.39 -29.17 -10.54
C ASP A 248 -16.64 -30.33 -9.57
N PRO A 249 -16.20 -30.19 -8.30
CA PRO A 249 -16.52 -31.22 -7.30
C PRO A 249 -18.04 -31.47 -7.23
N PRO A 250 -18.45 -32.75 -7.17
CA PRO A 250 -19.89 -33.09 -7.12
C PRO A 250 -20.71 -32.32 -6.06
N VAL A 251 -20.09 -32.02 -4.92
CA VAL A 251 -20.76 -31.28 -3.85
C VAL A 251 -21.15 -29.88 -4.31
N ALA A 252 -20.33 -29.29 -5.18
CA ALA A 252 -20.61 -27.96 -5.72
C ALA A 252 -21.83 -27.95 -6.67
N GLN A 253 -22.08 -29.07 -7.34
CA GLN A 253 -23.22 -29.20 -8.25
C GLN A 253 -24.57 -29.34 -7.52
N ASN A 254 -24.51 -29.73 -6.25
CA ASN A 254 -25.71 -29.90 -5.43
C ASN A 254 -26.36 -28.56 -5.06
N PRO A 255 -27.66 -28.38 -5.40
CA PRO A 255 -28.35 -27.13 -5.03
C PRO A 255 -28.64 -26.96 -3.54
N ASP A 256 -28.82 -28.07 -2.82
CA ASP A 256 -29.10 -28.02 -1.37
C ASP A 256 -27.84 -27.83 -0.53
N SER A 257 -26.67 -27.85 -1.18
CA SER A 257 -25.40 -27.55 -0.52
C SER A 257 -25.33 -26.07 -0.18
N SER A 258 -24.61 -25.73 0.88
CA SER A 258 -24.43 -24.34 1.28
C SER A 258 -23.30 -23.70 0.49
N PHE A 259 -23.28 -22.36 0.47
CA PHE A 259 -22.23 -21.62 -0.21
C PHE A 259 -20.86 -21.99 0.34
N ASP A 260 -20.74 -22.03 1.66
CA ASP A 260 -19.50 -22.41 2.31
C ASP A 260 -18.97 -23.76 1.85
N ASP A 261 -19.86 -24.76 1.75
CA ASP A 261 -19.47 -26.10 1.28
C ASP A 261 -18.90 -26.06 -0.13
N ARG A 262 -19.58 -25.33 -1.01
CA ARG A 262 -19.16 -25.21 -2.40
C ARG A 262 -17.79 -24.53 -2.51
N GLY A 263 -17.62 -23.43 -1.79
CA GLY A 263 -16.37 -22.67 -1.82
C GLY A 263 -15.19 -23.44 -1.25
N GLN A 264 -15.42 -24.10 -0.13
CA GLN A 264 -14.38 -24.95 0.50
C GLN A 264 -13.96 -26.06 -0.44
N ALA A 265 -14.94 -26.74 -1.03
CA ALA A 265 -14.69 -27.88 -1.91
C ALA A 265 -13.94 -27.45 -3.17
N ARG A 266 -14.36 -26.35 -3.78
CA ARG A 266 -13.72 -25.83 -4.98
C ARG A 266 -12.28 -25.35 -4.70
N TYR A 267 -12.05 -24.77 -3.52
CA TYR A 267 -10.71 -24.35 -3.12
C TYR A 267 -9.80 -25.57 -2.96
N GLU A 268 -10.24 -26.52 -2.15
CA GLU A 268 -9.49 -27.74 -1.86
C GLU A 268 -9.23 -28.54 -3.13
N ALA A 269 -10.22 -28.62 -4.02
CA ALA A 269 -10.07 -29.32 -5.30
C ALA A 269 -9.01 -28.66 -6.18
N GLY A 270 -9.06 -27.33 -6.27
CA GLY A 270 -8.07 -26.57 -7.04
C GLY A 270 -6.67 -26.70 -6.49
N ALA A 271 -6.55 -26.73 -5.16
CA ALA A 271 -5.25 -26.88 -4.50
C ALA A 271 -4.64 -28.27 -4.75
N GLU A 272 -5.46 -29.32 -4.61
CA GLU A 272 -5.03 -30.69 -4.87
C GLU A 272 -4.64 -30.89 -6.34
N PHE A 273 -5.40 -30.27 -7.24
CA PHE A 273 -5.16 -30.34 -8.66
C PHE A 273 -3.73 -29.86 -9.02
N LEU A 274 -3.31 -28.74 -8.44
CA LEU A 274 -1.96 -28.22 -8.66
C LEU A 274 -0.91 -29.09 -7.98
N ALA A 275 -1.26 -29.62 -6.81
CA ALA A 275 -0.35 -30.48 -6.03
C ALA A 275 -0.03 -31.82 -6.70
N SER A 276 -0.84 -32.21 -7.69
CA SER A 276 -0.63 -33.45 -8.43
C SER A 276 0.63 -33.46 -9.27
N ALA A 277 1.18 -32.28 -9.58
CA ALA A 277 2.39 -32.16 -10.38
C ALA A 277 3.60 -31.71 -9.56
N ARG A 278 4.78 -31.89 -10.13
CA ARG A 278 6.03 -31.41 -9.53
C ARG A 278 6.33 -29.98 -9.98
N VAL A 279 5.95 -29.65 -11.21
CA VAL A 279 6.05 -28.29 -11.74
C VAL A 279 4.75 -27.94 -12.43
N VAL A 280 4.41 -26.64 -12.42
CA VAL A 280 3.24 -26.13 -13.09
C VAL A 280 3.64 -25.07 -14.10
N ILE A 281 3.06 -25.15 -15.30
CA ILE A 281 3.07 -24.05 -16.25
C ILE A 281 1.64 -23.54 -16.26
N THR A 282 1.45 -22.24 -16.04
CA THR A 282 0.10 -21.68 -16.02
C THR A 282 0.03 -20.24 -16.50
N ASP A 283 -1.13 -19.87 -17.00
CA ASP A 283 -1.43 -18.49 -17.36
C ASP A 283 -2.59 -17.94 -16.52
N ARG A 284 -2.80 -18.55 -15.35
CA ARG A 284 -3.83 -18.11 -14.41
C ARG A 284 -3.18 -17.56 -13.15
N LEU A 285 -3.69 -16.41 -12.70
CA LEU A 285 -3.12 -15.69 -11.57
C LEU A 285 -3.18 -16.49 -10.28
N HIS A 286 -4.28 -17.18 -10.02
CA HIS A 286 -4.45 -17.91 -8.76
C HIS A 286 -3.89 -19.34 -8.77
N ALA A 287 -3.68 -19.90 -9.96
CA ALA A 287 -2.84 -21.08 -10.08
C ALA A 287 -1.42 -20.69 -9.66
N HIS A 288 -1.01 -19.50 -10.11
CA HIS A 288 0.28 -18.92 -9.79
C HIS A 288 0.39 -18.58 -8.29
N ILE A 289 -0.62 -17.93 -7.74
CA ILE A 289 -0.60 -17.58 -6.32
C ILE A 289 -0.60 -18.82 -5.42
N LEU A 290 -1.51 -19.76 -5.69
CA LEU A 290 -1.62 -20.97 -4.85
C LEU A 290 -0.38 -21.85 -4.92
N SER A 291 0.19 -22.00 -6.11
CA SER A 291 1.45 -22.73 -6.29
C SER A 291 2.58 -22.11 -5.47
N THR A 292 2.60 -20.77 -5.42
CA THR A 292 3.58 -20.04 -4.63
C THR A 292 3.40 -20.36 -3.14
N LEU A 293 2.15 -20.36 -2.68
CA LEU A 293 1.85 -20.63 -1.27
C LEU A 293 2.17 -22.08 -0.88
N MET A 294 1.93 -23.01 -1.81
CA MET A 294 2.16 -24.44 -1.56
C MET A 294 3.61 -24.86 -1.75
N GLY A 295 4.43 -23.99 -2.34
CA GLY A 295 5.85 -24.30 -2.54
C GLY A 295 6.11 -25.15 -3.77
N ILE A 296 5.17 -25.13 -4.72
CA ILE A 296 5.33 -25.84 -5.97
C ILE A 296 6.06 -24.94 -6.96
N PRO A 297 7.20 -25.38 -7.51
CA PRO A 297 7.86 -24.58 -8.54
C PRO A 297 6.95 -24.43 -9.76
N HIS A 298 7.00 -23.27 -10.41
CA HIS A 298 6.09 -23.01 -11.54
C HIS A 298 6.56 -21.87 -12.41
N ILE A 299 6.24 -21.96 -13.70
CA ILE A 299 6.50 -20.90 -14.66
C ILE A 299 5.16 -20.30 -15.04
N VAL A 300 5.09 -18.97 -15.07
CA VAL A 300 3.85 -18.30 -15.44
C VAL A 300 3.99 -17.62 -16.81
N VAL A 301 2.94 -17.73 -17.61
CA VAL A 301 2.94 -17.22 -18.98
C VAL A 301 1.98 -16.04 -19.13
N GLU A 302 2.53 -14.88 -19.47
CA GLU A 302 1.74 -13.69 -19.76
C GLU A 302 1.52 -13.63 -21.26
N ASN A 303 0.47 -14.28 -21.73
CA ASN A 303 0.16 -14.38 -23.16
C ASN A 303 -0.97 -13.46 -23.61
N SER A 304 -1.55 -12.70 -22.67
CA SER A 304 -2.58 -11.72 -22.99
C SER A 304 -1.99 -10.32 -23.05
N GLN A 305 -2.79 -9.38 -23.53
CA GLN A 305 -2.45 -7.96 -23.46
C GLN A 305 -2.82 -7.57 -22.04
N MET A 306 -3.56 -6.49 -21.79
CA MET A 306 -3.95 -6.12 -20.44
C MET A 306 -2.79 -6.23 -19.42
N GLY A 307 -2.48 -7.46 -18.98
CA GLY A 307 -1.57 -7.71 -17.86
C GLY A 307 -2.21 -8.54 -16.74
N LYS A 308 -2.94 -9.59 -17.10
CA LYS A 308 -3.72 -10.39 -16.13
C LYS A 308 -2.84 -10.93 -15.01
N ILE A 309 -1.62 -11.31 -15.36
CA ILE A 309 -0.64 -11.82 -14.40
C ILE A 309 0.29 -10.71 -13.94
N THR A 310 0.84 -9.97 -14.90
CA THR A 310 1.93 -9.02 -14.61
C THR A 310 1.53 -7.79 -13.78
N ASN A 311 0.26 -7.39 -13.82
CA ASN A 311 -0.15 -6.25 -12.99
C ASN A 311 0.01 -6.61 -11.51
N TYR A 312 -0.46 -7.80 -11.14
CA TYR A 312 -0.34 -8.25 -9.77
C TYR A 312 1.11 -8.58 -9.42
N HIS A 313 1.74 -9.37 -10.27
CA HIS A 313 3.08 -9.87 -10.01
C HIS A 313 4.07 -8.75 -9.74
N ASN A 314 4.05 -7.71 -10.58
CA ASN A 314 4.98 -6.60 -10.46
C ASN A 314 4.65 -5.66 -9.29
N THR A 315 3.41 -5.70 -8.82
CA THR A 315 3.05 -4.95 -7.62
C THR A 315 3.63 -5.60 -6.36
N TRP A 316 3.55 -6.92 -6.26
CA TRP A 316 3.77 -7.61 -4.97
C TRP A 316 4.83 -8.73 -4.93
N LEU A 317 5.12 -9.36 -6.05
CA LEU A 317 5.86 -10.62 -6.03
C LEU A 317 7.29 -10.57 -6.58
N HIS A 318 7.93 -9.41 -6.57
CA HIS A 318 9.33 -9.31 -7.00
CA HIS A 318 9.32 -9.33 -7.00
C HIS A 318 10.21 -10.28 -6.21
N GLY A 319 9.93 -10.42 -4.92
CA GLY A 319 10.70 -11.29 -4.03
C GLY A 319 10.52 -12.79 -4.24
N CYS A 320 9.49 -13.16 -4.98
CA CYS A 320 9.25 -14.57 -5.36
C CYS A 320 9.70 -14.85 -6.80
N THR A 321 10.28 -13.86 -7.46
CA THR A 321 10.71 -13.99 -8.85
C THR A 321 12.13 -14.55 -8.88
N LEU A 322 12.25 -15.85 -8.67
CA LEU A 322 13.56 -16.51 -8.54
C LEU A 322 13.54 -17.92 -9.13
N ASP A 323 14.72 -18.42 -9.51
CA ASP A 323 14.85 -19.78 -10.05
C ASP A 323 14.46 -20.80 -9.00
N GLY A 324 13.64 -21.78 -9.41
CA GLY A 324 13.12 -22.80 -8.51
C GLY A 324 11.84 -22.39 -7.79
N VAL A 325 11.53 -21.10 -7.76
CA VAL A 325 10.36 -20.59 -7.07
C VAL A 325 9.27 -20.23 -8.09
N SER A 326 9.47 -19.14 -8.81
CA SER A 326 8.50 -18.67 -9.79
C SER A 326 9.12 -17.65 -10.76
N VAL A 327 8.79 -17.77 -12.04
CA VAL A 327 9.29 -16.85 -13.07
C VAL A 327 8.18 -16.58 -14.10
N VAL A 328 8.17 -15.36 -14.63
CA VAL A 328 7.20 -14.97 -15.64
C VAL A 328 7.87 -14.92 -17.01
N VAL A 329 7.19 -15.43 -18.02
CA VAL A 329 7.69 -15.39 -19.40
C VAL A 329 6.57 -15.00 -20.36
N ASP A 330 6.95 -14.56 -21.55
CA ASP A 330 6.00 -13.98 -22.52
C ASP A 330 5.29 -15.02 -23.41
N SER A 331 5.69 -16.29 -23.33
CA SER A 331 5.07 -17.34 -24.15
C SER A 331 5.25 -18.74 -23.56
N VAL A 332 4.47 -19.69 -24.08
CA VAL A 332 4.49 -21.07 -23.60
C VAL A 332 5.75 -21.79 -24.08
N ASP A 333 6.25 -21.41 -25.26
CA ASP A 333 7.50 -21.99 -25.77
C ASP A 333 8.70 -21.60 -24.88
N LYS A 334 8.72 -20.35 -24.44
CA LYS A 334 9.73 -19.89 -23.48
C LYS A 334 9.65 -20.64 -22.15
N ALA A 335 8.43 -20.98 -21.72
CA ALA A 335 8.21 -21.72 -20.49
C ALA A 335 8.81 -23.11 -20.53
N LEU A 336 8.64 -23.80 -21.66
CA LEU A 336 9.20 -25.14 -21.85
C LEU A 336 10.73 -25.12 -21.82
N SER A 337 11.32 -24.15 -22.54
CA SER A 337 12.77 -23.97 -22.56
C SER A 337 13.32 -23.80 -21.15
N LEU A 338 12.69 -22.94 -20.36
CA LEU A 338 13.12 -22.69 -18.99
C LEU A 338 12.88 -23.91 -18.10
N LEU A 339 11.78 -24.62 -18.34
CA LEU A 339 11.48 -25.86 -17.62
C LEU A 339 12.66 -26.84 -17.70
N LEU A 340 13.25 -26.98 -18.89
CA LEU A 340 14.37 -27.90 -19.11
C LEU A 340 15.61 -27.47 -18.33
N GLU A 341 15.90 -26.16 -18.32
CA GLU A 341 16.99 -25.62 -17.51
C GLU A 341 16.79 -25.95 -16.04
N TRP A 342 15.53 -25.85 -15.58
CA TRP A 342 15.18 -26.16 -14.20
C TRP A 342 15.32 -27.64 -13.90
N ASN A 343 15.00 -28.48 -14.88
CA ASN A 343 15.13 -29.94 -14.72
C ASN A 343 16.59 -30.35 -14.53
N GLU A 344 17.48 -29.86 -15.40
CA GLU A 344 18.91 -30.15 -15.29
C GLU A 344 19.56 -29.50 -14.08
N ALA A 345 18.96 -28.41 -13.60
CA ALA A 345 19.41 -27.78 -12.35
C ALA A 345 18.88 -28.56 -11.14
N GLY A 346 17.79 -29.29 -11.33
CA GLY A 346 17.19 -30.08 -10.26
C GLY A 346 16.31 -29.23 -9.35
N TYR A 347 15.67 -28.22 -9.92
CA TYR A 347 14.80 -27.32 -9.16
C TYR A 347 13.44 -27.95 -8.84
N PHE A 348 13.14 -29.09 -9.46
CA PHE A 348 11.96 -29.86 -9.10
C PHE A 348 12.22 -31.36 -9.20
N LYS B 2 -7.22 10.23 27.34
CA LYS B 2 -7.17 11.67 27.02
C LYS B 2 -6.99 11.86 25.52
N PRO B 3 -8.01 12.40 24.82
CA PRO B 3 -7.93 12.54 23.36
C PRO B 3 -6.77 13.41 22.87
N LEU B 4 -6.32 13.16 21.65
CA LEU B 4 -5.28 13.97 21.02
C LEU B 4 -5.86 15.34 20.68
N PHE B 5 -7.05 15.35 20.11
CA PHE B 5 -7.81 16.58 19.88
C PHE B 5 -8.85 16.73 21.01
N THR B 6 -8.48 17.42 22.08
CA THR B 6 -9.35 17.52 23.26
C THR B 6 -10.74 18.14 23.09
N LYS B 7 -10.86 19.15 22.23
CA LYS B 7 -12.14 19.85 22.00
C LYS B 7 -12.95 19.25 20.85
N SER B 8 -12.60 18.02 20.47
CA SER B 8 -13.36 17.26 19.48
C SER B 8 -13.12 15.77 19.73
N PRO B 9 -13.53 15.27 20.91
CA PRO B 9 -13.12 13.94 21.43
C PRO B 9 -13.52 12.75 20.57
N ARG B 10 -14.76 12.74 20.09
CA ARG B 10 -15.27 11.61 19.32
C ARG B 10 -14.55 11.51 17.96
N ASN B 11 -14.43 12.64 17.28
CA ASN B 11 -13.69 12.71 16.02
C ASN B 11 -12.19 12.47 16.19
N SER B 12 -11.65 12.79 17.36
CA SER B 12 -10.23 12.55 17.66
C SER B 12 -9.87 11.07 17.56
N ALA B 13 -10.76 10.20 18.02
CA ALA B 13 -10.54 8.75 17.99
C ALA B 13 -10.26 8.24 16.58
N SER B 14 -11.02 8.73 15.61
CA SER B 14 -10.86 8.34 14.21
C SER B 14 -9.49 8.73 13.65
N CYS B 15 -9.03 9.94 13.96
CA CYS B 15 -7.75 10.41 13.45
C CYS B 15 -6.56 9.73 14.14
N GLU B 16 -6.73 9.41 15.43
CA GLU B 16 -5.70 8.69 16.17
C GLU B 16 -5.50 7.28 15.62
N SER B 17 -6.61 6.64 15.21
CA SER B 17 -6.53 5.33 14.55
C SER B 17 -5.79 5.43 13.22
N THR B 18 -6.07 6.48 12.46
CA THR B 18 -5.43 6.73 11.17
C THR B 18 -3.92 6.97 11.33
N ILE B 19 -3.54 7.69 12.38
CA ILE B 19 -2.12 7.89 12.70
C ILE B 19 -1.45 6.56 12.98
N THR B 20 -2.09 5.74 13.82
CA THR B 20 -1.58 4.41 14.17
C THR B 20 -1.45 3.50 12.95
N LEU B 21 -2.43 3.55 12.05
CA LEU B 21 -2.37 2.75 10.83
C LEU B 21 -1.13 3.11 10.00
N GLN B 22 -0.93 4.39 9.76
CA GLN B 22 0.20 4.86 8.97
C GLN B 22 1.54 4.49 9.62
N SER B 23 1.61 4.64 10.93
CA SER B 23 2.81 4.29 11.69
C SER B 23 3.15 2.80 11.58
N ASN B 24 2.13 1.95 11.67
CA ASN B 24 2.31 0.50 11.57
C ASN B 24 2.75 0.05 10.17
N LEU B 25 2.15 0.65 9.14
CA LEU B 25 2.52 0.34 7.75
C LEU B 25 3.97 0.72 7.47
N LEU B 26 4.37 1.90 7.93
CA LEU B 26 5.76 2.33 7.79
C LEU B 26 6.70 1.30 8.41
N PHE B 27 6.40 0.90 9.64
CA PHE B 27 7.20 -0.10 10.33
C PHE B 27 7.24 -1.42 9.57
N THR B 28 6.06 -1.92 9.20
CA THR B 28 5.94 -3.19 8.51
C THR B 28 6.71 -3.23 7.20
N TYR B 29 6.60 -2.17 6.41
CA TYR B 29 7.31 -2.10 5.13
C TYR B 29 8.82 -2.00 5.34
N TYR B 30 9.25 -1.08 6.19
CA TYR B 30 10.68 -0.81 6.34
C TYR B 30 11.42 -1.87 7.17
N LYS B 31 10.73 -2.51 8.11
CA LYS B 31 11.28 -3.67 8.79
C LYS B 31 11.64 -4.74 7.77
N HIS B 32 10.72 -5.03 6.85
CA HIS B 32 10.95 -6.02 5.80
C HIS B 32 12.10 -5.64 4.88
N TYR B 33 12.06 -4.43 4.32
CA TYR B 33 13.04 -4.03 3.30
C TYR B 33 14.43 -3.70 3.88
N PHE B 34 14.50 -3.43 5.18
CA PHE B 34 15.79 -3.27 5.88
C PHE B 34 16.25 -4.55 6.57
N ALA B 35 15.60 -5.68 6.29
CA ALA B 35 15.97 -6.96 6.91
C ALA B 35 17.45 -7.25 6.73
N GLY B 36 18.15 -7.51 7.83
CA GLY B 36 19.58 -7.82 7.81
C GLY B 36 20.49 -6.60 7.92
N ILE B 37 19.95 -5.41 7.72
CA ILE B 37 20.75 -4.19 7.68
C ILE B 37 21.02 -3.72 9.11
N LYS B 38 22.27 -3.37 9.39
CA LYS B 38 22.68 -2.84 10.69
C LYS B 38 23.15 -1.39 10.61
N LYS B 39 23.72 -1.00 9.47
CA LYS B 39 24.29 0.33 9.30
C LYS B 39 23.86 0.95 7.98
N VAL B 40 23.72 2.28 7.97
CA VAL B 40 23.13 2.99 6.85
C VAL B 40 23.84 4.32 6.61
N ALA B 41 23.95 4.70 5.33
CA ALA B 41 24.36 6.03 4.94
C ALA B 41 23.12 6.79 4.47
N LEU B 42 22.88 7.99 5.01
CA LEU B 42 21.75 8.82 4.59
C LEU B 42 22.20 9.77 3.49
N ILE B 43 21.53 9.68 2.33
CA ILE B 43 21.87 10.49 1.17
C ILE B 43 20.80 11.55 0.93
N GLY B 44 21.21 12.81 0.82
CA GLY B 44 20.31 13.91 0.52
C GLY B 44 19.72 14.57 1.76
N PHE B 45 20.52 14.68 2.82
CA PHE B 45 20.07 15.33 4.05
C PHE B 45 19.70 16.79 3.75
N PRO B 46 18.55 17.26 4.27
CA PRO B 46 18.08 18.60 3.93
C PRO B 46 18.75 19.69 4.78
N ASP B 47 19.93 20.13 4.35
CA ASP B 47 20.67 21.17 5.06
C ASP B 47 20.22 22.55 4.57
N HIS B 48 18.99 22.90 4.94
CA HIS B 48 18.38 24.17 4.57
C HIS B 48 17.16 24.41 5.48
N PRO B 49 16.61 25.64 5.47
CA PRO B 49 15.63 26.04 6.49
C PRO B 49 14.24 25.39 6.49
N ASN B 50 13.89 24.60 5.47
CA ASN B 50 12.54 24.03 5.41
C ASN B 50 12.24 23.10 6.60
N LYS B 51 11.23 23.49 7.38
CA LYS B 51 10.88 22.77 8.62
C LYS B 51 10.33 21.36 8.38
N GLY B 52 9.55 21.20 7.31
CA GLY B 52 8.97 19.90 6.98
C GLY B 52 10.03 18.86 6.62
N ASP B 53 11.05 19.26 5.87
CA ASP B 53 12.11 18.36 5.43
C ASP B 53 12.99 17.92 6.61
N SER B 54 13.16 18.82 7.59
CA SER B 54 13.88 18.46 8.81
C SER B 54 13.06 17.53 9.70
N ALA B 55 11.74 17.71 9.70
CA ALA B 55 10.85 16.80 10.40
C ALA B 55 10.92 15.41 9.77
N ILE B 56 11.06 15.36 8.44
CA ILE B 56 11.28 14.11 7.72
C ILE B 56 12.55 13.43 8.21
N TYR B 57 13.63 14.19 8.36
CA TYR B 57 14.87 13.65 8.88
C TYR B 57 14.74 13.02 10.28
N VAL B 58 14.05 13.71 11.20
CA VAL B 58 13.94 13.22 12.59
C VAL B 58 13.15 11.93 12.61
N ALA B 59 12.07 11.88 11.82
CA ALA B 59 11.26 10.68 11.71
C ALA B 59 12.04 9.51 11.10
N GLU B 60 12.96 9.82 10.19
CA GLU B 60 13.84 8.81 9.61
C GLU B 60 14.78 8.25 10.67
N LYS B 61 15.38 9.12 11.46
CA LYS B 61 16.18 8.72 12.64
C LYS B 61 15.40 7.82 13.57
N LYS B 62 14.17 8.22 13.88
CA LYS B 62 13.33 7.49 14.82
C LYS B 62 13.07 6.07 14.33
N LEU B 63 12.71 5.94 13.05
CA LEU B 63 12.43 4.62 12.46
C LEU B 63 13.68 3.75 12.44
N LEU B 64 14.81 4.32 12.03
CA LEU B 64 16.08 3.60 12.00
C LEU B 64 16.49 3.13 13.40
N ASP B 65 16.31 3.99 14.40
CA ASP B 65 16.54 3.63 15.80
C ASP B 65 15.61 2.48 16.25
N ALA B 66 14.35 2.53 15.84
CA ALA B 66 13.40 1.47 16.18
C ALA B 66 13.74 0.12 15.54
N LEU B 67 14.49 0.14 14.44
CA LEU B 67 14.95 -1.08 13.78
C LEU B 67 16.41 -1.44 14.14
N ASN B 68 16.95 -0.78 15.16
CA ASN B 68 18.35 -0.93 15.55
C ASN B 68 19.31 -0.83 14.35
N ILE B 69 19.18 0.28 13.64
CA ILE B 69 20.06 0.59 12.52
C ILE B 69 20.76 1.91 12.83
N GLU B 70 22.08 1.91 12.68
CA GLU B 70 22.89 3.08 12.98
C GLU B 70 23.17 3.87 11.69
N VAL B 71 23.04 5.18 11.78
CA VAL B 71 23.44 6.07 10.69
C VAL B 71 24.94 6.32 10.84
N VAL B 72 25.74 5.79 9.93
CA VAL B 72 27.21 5.90 10.00
C VAL B 72 27.77 6.98 9.07
N TYR B 73 26.90 7.60 8.26
CA TYR B 73 27.34 8.63 7.33
C TYR B 73 26.15 9.43 6.81
N ILE B 74 26.35 10.74 6.65
CA ILE B 74 25.33 11.63 6.13
C ILE B 74 25.98 12.57 5.11
N THR B 75 25.33 12.73 3.96
CA THR B 75 25.69 13.78 3.01
C THR B 75 24.45 14.60 2.64
N ALA B 76 24.61 15.91 2.61
CA ALA B 76 23.54 16.83 2.22
C ALA B 76 23.64 17.16 0.75
N GLN B 77 24.82 17.62 0.33
CA GLN B 77 25.08 18.05 -1.04
C GLN B 77 26.33 17.39 -1.59
N GLU B 78 26.53 17.56 -2.89
CA GLU B 78 27.73 17.09 -3.57
C GLU B 78 29.00 17.71 -2.96
N ALA B 79 28.92 18.97 -2.57
CA ALA B 79 30.07 19.69 -2.04
C ALA B 79 30.66 19.03 -0.78
N ASP B 80 29.81 18.48 0.07
CA ASP B 80 30.25 17.84 1.32
C ASP B 80 30.43 16.33 1.18
N TYR B 81 29.97 15.76 0.07
CA TYR B 81 30.14 14.33 -0.21
C TYR B 81 31.60 13.97 -0.43
N SER B 82 32.01 12.82 0.13
CA SER B 82 33.34 12.28 -0.07
C SER B 82 33.27 10.76 -0.22
N ALA B 83 33.61 10.27 -1.41
CA ALA B 83 33.60 8.83 -1.69
C ALA B 83 34.66 8.08 -0.90
N SER B 84 35.83 8.69 -0.73
CA SER B 84 36.93 8.06 0.00
C SER B 84 36.54 7.87 1.46
N GLU B 85 35.96 8.91 2.07
CA GLU B 85 35.52 8.86 3.46
C GLU B 85 34.44 7.79 3.68
N LEU B 86 33.48 7.70 2.77
CA LEU B 86 32.43 6.68 2.86
C LEU B 86 32.98 5.28 2.63
N LYS B 87 33.92 5.16 1.69
CA LYS B 87 34.55 3.87 1.40
C LYS B 87 35.28 3.29 2.61
N SER B 88 35.94 4.16 3.38
CA SER B 88 36.67 3.71 4.58
C SER B 88 35.72 3.39 5.73
N ILE B 89 34.62 4.13 5.83
CA ILE B 89 33.62 3.87 6.87
C ILE B 89 32.98 2.49 6.71
N ILE B 90 32.72 2.10 5.46
CA ILE B 90 32.06 0.81 5.18
C ILE B 90 33.02 -0.34 4.91
N SER B 91 34.32 -0.05 4.87
CA SER B 91 35.33 -1.08 4.60
C SER B 91 35.19 -2.27 5.56
N ASP B 92 34.94 -2.01 6.85
CA ASP B 92 34.83 -3.10 7.84
C ASP B 92 33.39 -3.64 8.05
N ILE B 93 32.44 -3.22 7.21
CA ILE B 93 31.05 -3.66 7.35
C ILE B 93 30.75 -4.74 6.31
N PRO B 94 30.18 -5.88 6.76
CA PRO B 94 29.71 -6.90 5.81
C PRO B 94 28.68 -6.34 4.81
N ARG B 95 28.86 -6.67 3.53
CA ARG B 95 28.01 -6.15 2.45
C ARG B 95 26.52 -6.15 2.78
N ASP B 96 26.02 -7.28 3.27
CA ASP B 96 24.59 -7.46 3.53
C ASP B 96 24.08 -6.74 4.80
N GLU B 97 25.00 -6.12 5.56
CA GLU B 97 24.62 -5.34 6.74
C GLU B 97 24.56 -3.83 6.46
N PHE B 98 24.98 -3.42 5.27
CA PHE B 98 25.01 -1.99 4.92
C PHE B 98 24.01 -1.64 3.82
N ALA B 99 23.33 -0.52 3.97
CA ALA B 99 22.40 -0.02 2.96
C ALA B 99 22.61 1.47 2.69
N LEU B 100 22.22 1.90 1.50
CA LEU B 100 22.09 3.32 1.17
C LEU B 100 20.63 3.72 1.34
N ALA B 101 20.41 4.84 2.03
CA ALA B 101 19.05 5.33 2.27
C ALA B 101 18.93 6.74 1.70
N PHE B 102 18.00 6.92 0.75
CA PHE B 102 17.76 8.25 0.19
C PHE B 102 16.78 9.00 1.07
N HIS B 103 17.17 10.21 1.47
CA HIS B 103 16.29 11.07 2.24
C HIS B 103 15.01 11.30 1.46
N GLY B 104 13.88 11.23 2.14
CA GLY B 104 12.58 11.29 1.49
C GLY B 104 12.09 12.70 1.28
N GLY B 105 10.79 12.84 1.03
CA GLY B 105 10.17 14.13 0.79
C GLY B 105 10.03 14.45 -0.68
N GLY B 106 9.82 15.73 -0.98
CA GLY B 106 9.68 16.21 -2.36
C GLY B 106 11.03 16.65 -2.90
N ASN B 107 11.82 15.66 -3.32
CA ASN B 107 13.15 15.91 -3.86
C ASN B 107 13.42 15.07 -5.10
N PHE B 108 12.35 14.70 -5.80
CA PHE B 108 12.41 13.78 -6.93
C PHE B 108 11.54 14.34 -8.04
N GLY B 109 12.15 15.13 -8.93
CA GLY B 109 11.40 15.77 -10.00
C GLY B 109 12.18 16.86 -10.72
N ASP B 110 11.46 17.63 -11.53
CA ASP B 110 12.05 18.68 -12.38
C ASP B 110 12.86 19.68 -11.58
N LEU B 111 12.34 20.08 -10.42
CA LEU B 111 12.93 21.14 -9.62
C LEU B 111 14.14 20.70 -8.79
N TYR B 112 14.47 19.41 -8.80
CA TYR B 112 15.48 18.87 -7.89
C TYR B 112 16.56 18.04 -8.58
N PRO B 113 17.26 18.63 -9.58
CA PRO B 113 18.34 17.90 -10.26
C PRO B 113 19.58 17.64 -9.38
N ASP B 114 19.87 18.53 -8.44
CA ASP B 114 21.02 18.33 -7.53
C ASP B 114 20.80 17.15 -6.59
N HIS B 115 19.56 16.97 -6.11
CA HIS B 115 19.24 15.86 -5.23
C HIS B 115 19.40 14.54 -5.98
N GLN B 116 18.88 14.50 -7.21
CA GLN B 116 19.05 13.35 -8.09
C GLN B 116 20.52 13.08 -8.40
N HIS B 117 21.26 14.15 -8.67
CA HIS B 117 22.67 14.02 -9.01
C HIS B 117 23.50 13.41 -7.87
N LEU B 118 23.22 13.81 -6.63
CA LEU B 118 23.87 13.23 -5.47
C LEU B 118 23.55 11.73 -5.36
N ARG B 119 22.30 11.35 -5.61
CA ARG B 119 21.91 9.94 -5.64
C ARG B 119 22.72 9.17 -6.68
N GLU B 120 22.86 9.75 -7.87
CA GLU B 120 23.61 9.13 -8.97
C GLU B 120 25.08 8.92 -8.59
N LEU B 121 25.70 9.96 -8.02
CA LEU B 121 27.09 9.89 -7.59
C LEU B 121 27.35 8.78 -6.57
N VAL B 122 26.47 8.68 -5.58
CA VAL B 122 26.66 7.74 -4.47
C VAL B 122 26.43 6.29 -4.90
N VAL B 123 25.40 6.06 -5.70
CA VAL B 123 25.07 4.69 -6.16
C VAL B 123 26.13 4.14 -7.13
N ARG B 124 26.68 5.00 -7.98
CA ARG B 124 27.70 4.56 -8.93
C ARG B 124 29.07 4.33 -8.28
N ASP B 125 29.35 5.06 -7.20
CA ASP B 125 30.55 4.80 -6.38
C ASP B 125 30.36 3.53 -5.54
N PHE B 126 29.13 3.28 -5.10
CA PHE B 126 28.81 2.14 -4.23
C PHE B 126 27.62 1.33 -4.75
N PRO B 127 27.82 0.61 -5.86
CA PRO B 127 26.76 -0.21 -6.44
C PRO B 127 26.55 -1.53 -5.71
N SER B 128 25.43 -2.19 -6.01
CA SER B 128 25.11 -3.54 -5.50
C SER B 128 24.92 -3.64 -3.97
N PHE B 129 24.57 -2.52 -3.34
CA PHE B 129 24.14 -2.54 -1.93
C PHE B 129 22.63 -2.39 -1.89
N THR B 130 22.03 -2.92 -0.82
CA THR B 130 20.63 -2.65 -0.54
C THR B 130 20.44 -1.14 -0.60
N THR B 131 19.56 -0.68 -1.49
CA THR B 131 19.36 0.74 -1.74
C THR B 131 17.88 1.04 -1.81
N ILE B 132 17.43 1.98 -0.99
CA ILE B 132 16.01 2.26 -0.85
C ILE B 132 15.81 3.71 -0.46
N SER B 133 14.68 4.28 -0.88
CA SER B 133 14.35 5.65 -0.52
C SER B 133 13.38 5.65 0.64
N PHE B 134 13.41 6.71 1.43
CA PHE B 134 12.31 7.02 2.31
C PHE B 134 11.21 7.61 1.43
N PRO B 135 9.97 7.66 1.94
CA PRO B 135 8.84 7.96 1.06
C PRO B 135 8.95 9.34 0.38
N GLN B 136 8.89 9.33 -0.94
CA GLN B 136 9.08 10.55 -1.73
C GLN B 136 7.82 10.96 -2.49
N SER B 137 7.73 12.27 -2.74
CA SER B 137 6.84 12.81 -3.78
C SER B 137 7.65 12.79 -5.07
N VAL B 138 7.03 12.35 -6.16
CA VAL B 138 7.72 12.19 -7.44
C VAL B 138 6.86 12.70 -8.59
N TRP B 139 7.41 13.63 -9.37
CA TRP B 139 6.76 14.08 -10.60
C TRP B 139 7.72 14.82 -11.52
N TYR B 140 7.70 14.45 -12.80
CA TYR B 140 8.44 15.15 -13.86
C TYR B 140 7.46 15.60 -14.94
N ASN B 141 7.34 16.92 -15.11
CA ASN B 141 6.59 17.51 -16.22
C ASN B 141 7.33 17.41 -17.55
N GLU B 142 8.66 17.44 -17.48
CA GLU B 142 9.51 17.40 -18.67
C GLU B 142 10.01 15.98 -18.93
N GLN B 143 9.72 15.46 -20.13
CA GLN B 143 10.18 14.14 -20.54
C GLN B 143 11.71 14.03 -20.59
N GLN B 144 12.35 15.10 -21.04
CA GLN B 144 13.80 15.12 -21.21
C GLN B 144 14.52 14.91 -19.87
N LEU B 145 14.04 15.58 -18.83
CA LEU B 145 14.59 15.45 -17.49
C LEU B 145 14.30 14.07 -16.89
N LEU B 146 13.09 13.57 -17.14
CA LEU B 146 12.70 12.23 -16.71
C LEU B 146 13.57 11.16 -17.35
N GLU B 147 13.83 11.29 -18.65
CA GLU B 147 14.64 10.34 -19.40
C GLU B 147 16.08 10.26 -18.86
N GLN B 148 16.64 11.43 -18.56
CA GLN B 148 17.97 11.51 -17.95
C GLN B 148 17.99 10.80 -16.60
N ALA B 149 17.04 11.11 -15.73
CA ALA B 149 17.00 10.54 -14.38
C ALA B 149 16.68 9.05 -14.35
N SER B 150 16.00 8.54 -15.39
CA SER B 150 15.60 7.14 -15.44
C SER B 150 16.76 6.17 -15.61
N ILE B 151 17.85 6.64 -16.19
CA ILE B 151 18.99 5.77 -16.51
C ILE B 151 19.58 5.16 -15.23
N LEU B 152 19.70 5.97 -14.17
CA LEU B 152 20.22 5.48 -12.89
C LEU B 152 19.45 4.26 -12.40
N TYR B 153 18.13 4.37 -12.43
CA TYR B 153 17.26 3.35 -11.84
C TYR B 153 17.16 2.12 -12.74
N ALA B 154 17.21 2.33 -14.06
CA ALA B 154 17.24 1.22 -15.00
C ALA B 154 18.57 0.43 -14.91
N GLU B 155 19.67 1.16 -14.78
CA GLU B 155 20.99 0.53 -14.66
C GLU B 155 21.27 -0.07 -13.27
N ASN B 156 20.45 0.31 -12.28
CA ASN B 156 20.55 -0.24 -10.93
C ASN B 156 19.20 -0.78 -10.44
N PRO B 157 18.79 -1.96 -10.94
CA PRO B 157 17.49 -2.58 -10.57
C PRO B 157 17.30 -2.87 -9.08
N ASN B 158 18.40 -2.95 -8.32
CA ASN B 158 18.33 -3.16 -6.87
C ASN B 158 17.68 -2.00 -6.10
N ILE B 159 17.72 -0.79 -6.66
CA ILE B 159 17.13 0.38 -6.00
C ILE B 159 15.62 0.21 -5.84
N THR B 160 15.14 0.35 -4.61
CA THR B 160 13.72 0.30 -4.31
C THR B 160 13.20 1.72 -4.09
N LEU B 161 12.20 2.10 -4.87
CA LEU B 161 11.61 3.44 -4.76
C LEU B 161 10.37 3.41 -3.88
N VAL B 162 10.32 4.29 -2.89
CA VAL B 162 9.16 4.40 -2.04
C VAL B 162 8.52 5.76 -2.28
N THR B 163 7.22 5.74 -2.58
CA THR B 163 6.45 6.95 -2.78
C THR B 163 5.48 7.10 -1.61
N ARG B 164 5.05 8.34 -1.37
CA ARG B 164 4.19 8.65 -0.24
C ARG B 164 2.75 9.02 -0.60
N ASP B 165 2.43 9.08 -1.90
CA ASP B 165 1.08 9.42 -2.35
C ASP B 165 0.70 8.72 -3.67
N ARG B 166 -0.61 8.64 -3.91
CA ARG B 166 -1.17 7.98 -5.09
C ARG B 166 -0.61 8.42 -6.44
N GLN B 167 -0.52 9.73 -6.63
CA GLN B 167 -0.08 10.29 -7.91
C GLN B 167 1.40 10.01 -8.14
N SER B 168 2.19 10.13 -7.08
CA SER B 168 3.62 9.83 -7.15
C SER B 168 3.84 8.35 -7.44
N TYR B 169 3.05 7.51 -6.78
CA TYR B 169 3.11 6.07 -6.98
C TYR B 169 2.83 5.70 -8.44
N GLY B 170 1.72 6.22 -8.96
CA GLY B 170 1.35 5.99 -10.35
C GLY B 170 2.42 6.45 -11.32
N PHE B 171 2.99 7.63 -11.06
CA PHE B 171 4.05 8.16 -11.91
C PHE B 171 5.29 7.28 -11.84
N ALA B 172 5.71 6.94 -10.62
CA ALA B 172 6.90 6.12 -10.41
C ALA B 172 6.78 4.75 -11.07
N VAL B 173 5.59 4.16 -10.95
CA VAL B 173 5.31 2.87 -11.55
C VAL B 173 5.44 2.90 -13.09
N ASP B 174 4.80 3.88 -13.72
CA ASP B 174 4.86 3.99 -15.19
C ASP B 174 6.29 4.28 -15.68
N ALA B 175 7.02 5.12 -14.95
CA ALA B 175 8.35 5.55 -15.36
C ALA B 175 9.47 4.56 -15.02
N PHE B 176 9.41 3.95 -13.84
CA PHE B 176 10.49 3.09 -13.34
C PHE B 176 10.09 1.64 -13.06
N GLY B 177 8.81 1.32 -13.21
CA GLY B 177 8.27 0.04 -12.75
C GLY B 177 8.69 -1.20 -13.51
N LYS B 178 9.32 -1.04 -14.68
CA LYS B 178 9.85 -2.17 -15.42
C LYS B 178 11.01 -2.83 -14.69
N HIS B 179 11.89 -2.01 -14.11
CA HIS B 179 13.14 -2.49 -13.53
C HIS B 179 13.16 -2.48 -11.99
N ASN B 180 12.60 -1.44 -11.37
CA ASN B 180 12.67 -1.26 -9.92
C ASN B 180 11.36 -1.58 -9.20
N GLU B 181 11.46 -2.08 -7.97
CA GLU B 181 10.33 -2.13 -7.08
C GLU B 181 9.90 -0.71 -6.73
N VAL B 182 8.60 -0.48 -6.75
CA VAL B 182 8.02 0.80 -6.34
C VAL B 182 6.99 0.52 -5.27
N LEU B 183 7.08 1.26 -4.15
CA LEU B 183 6.17 1.10 -3.03
C LEU B 183 5.34 2.35 -2.79
N LEU B 184 4.19 2.16 -2.14
CA LEU B 184 3.37 3.26 -1.65
C LEU B 184 3.21 3.10 -0.15
N THR B 185 3.85 3.99 0.60
CA THR B 185 3.73 4.01 2.06
C THR B 185 3.26 5.40 2.50
N PRO B 186 2.92 5.56 3.78
CA PRO B 186 2.69 6.90 4.31
C PRO B 186 3.96 7.76 4.32
N ASP B 187 3.80 9.03 4.66
CA ASP B 187 4.94 9.91 4.84
C ASP B 187 5.61 9.53 6.14
N ILE B 188 6.94 9.48 6.13
CA ILE B 188 7.72 8.99 7.26
C ILE B 188 7.41 9.71 8.59
N VAL B 189 7.02 10.99 8.52
CA VAL B 189 6.76 11.79 9.72
C VAL B 189 5.66 11.19 10.61
N PHE B 190 4.76 10.39 10.01
CA PHE B 190 3.75 9.71 10.81
C PHE B 190 4.29 8.62 11.74
N PHE B 191 5.54 8.20 11.56
CA PHE B 191 6.17 7.28 12.50
C PHE B 191 6.50 7.94 13.85
N MET B 192 6.40 9.26 13.93
CA MET B 192 6.58 9.97 15.19
C MET B 192 5.42 9.69 16.13
N GLY B 193 4.27 9.33 15.57
CA GLY B 193 3.07 9.06 16.35
C GLY B 193 2.49 10.35 16.91
N PRO B 194 1.48 10.23 17.78
CA PRO B 194 0.94 11.40 18.48
C PRO B 194 2.00 12.10 19.31
N ILE B 195 2.13 13.41 19.15
CA ILE B 195 3.07 14.21 19.92
C ILE B 195 2.40 15.45 20.55
N PRO B 196 1.41 15.21 21.43
CA PRO B 196 0.74 16.33 22.09
C PRO B 196 1.62 17.03 23.12
N GLU B 197 2.66 16.34 23.60
CA GLU B 197 3.58 16.89 24.60
C GLU B 197 4.08 18.28 24.23
N ILE B 198 4.42 18.47 22.96
CA ILE B 198 5.01 19.74 22.52
C ILE B 198 3.90 20.81 22.32
N ARG B 199 2.67 20.38 22.02
CA ARG B 199 1.51 21.29 22.02
C ARG B 199 1.27 21.84 23.43
N GLU B 200 1.35 20.96 24.43
CA GLU B 200 1.09 21.34 25.83
C GLU B 200 2.23 22.16 26.44
N ALA B 201 3.46 21.85 26.03
CA ALA B 201 4.65 22.54 26.53
C ALA B 201 4.76 23.97 26.02
N THR B 202 4.36 24.18 24.77
CA THR B 202 4.43 25.51 24.15
C THR B 202 3.27 26.39 24.62
N PRO B 203 3.57 27.61 25.09
CA PRO B 203 2.49 28.54 25.46
C PRO B 203 1.82 29.18 24.25
N ILE B 204 0.51 29.39 24.34
CA ILE B 204 -0.26 30.00 23.27
C ILE B 204 0.02 31.49 23.22
N THR B 205 0.42 31.98 22.04
CA THR B 205 0.73 33.40 21.85
C THR B 205 -0.37 34.12 21.06
N HIS B 206 -0.85 33.49 19.99
CA HIS B 206 -1.91 34.05 19.16
C HIS B 206 -3.06 33.06 19.12
N ASP B 207 -4.25 33.52 18.73
CA ASP B 207 -5.40 32.64 18.57
C ASP B 207 -5.27 31.83 17.28
N VAL B 208 -4.90 32.52 16.19
CA VAL B 208 -4.82 31.92 14.87
C VAL B 208 -3.44 32.13 14.26
N LEU B 209 -3.00 31.17 13.47
CA LEU B 209 -1.77 31.28 12.69
C LEU B 209 -2.10 31.03 11.23
N ILE B 210 -1.76 31.99 10.38
CA ILE B 210 -1.97 31.85 8.94
C ILE B 210 -0.61 31.61 8.28
N LEU B 211 -0.34 30.35 7.96
CA LEU B 211 0.90 29.94 7.33
C LEU B 211 0.61 29.65 5.86
N ALA B 212 0.28 30.72 5.12
CA ALA B 212 -0.12 30.60 3.72
C ALA B 212 0.08 31.92 2.97
N ARG B 213 -0.12 31.88 1.65
CA ARG B 213 -0.03 33.10 0.83
C ARG B 213 -1.17 34.05 1.18
N LEU B 232 -11.16 39.24 8.71
CA LEU B 232 -12.31 39.36 9.63
C LEU B 232 -11.91 39.84 11.03
N ASN B 233 -10.72 39.46 11.51
CA ASN B 233 -10.14 39.96 12.78
C ASN B 233 -11.15 39.84 13.94
N ALA B 234 -11.39 40.92 14.70
CA ALA B 234 -12.48 40.91 15.70
C ALA B 234 -13.79 40.68 14.97
N ALA B 235 -14.67 39.77 15.42
CA ALA B 235 -14.82 39.32 16.84
C ALA B 235 -13.65 38.63 17.54
N ASN B 236 -12.92 39.42 18.34
CA ASN B 236 -11.84 39.00 19.24
C ASN B 236 -11.07 37.71 18.91
N LEU B 237 -10.33 37.71 17.80
CA LEU B 237 -9.34 36.67 17.50
C LEU B 237 -8.06 37.31 16.98
N THR B 238 -6.96 37.13 17.72
CA THR B 238 -5.66 37.59 17.26
C THR B 238 -5.08 36.62 16.24
N TYR B 239 -4.21 37.11 15.36
CA TYR B 239 -3.67 36.31 14.27
C TYR B 239 -2.25 36.70 13.88
N SER B 240 -1.52 35.74 13.34
CA SER B 240 -0.16 35.96 12.83
C SER B 240 -0.06 35.45 11.40
N VAL B 241 0.51 36.26 10.51
CA VAL B 241 0.76 35.85 9.13
C VAL B 241 2.27 35.74 8.94
N GLU B 242 2.83 34.68 9.51
CA GLU B 242 4.26 34.40 9.41
C GLU B 242 4.51 33.32 8.37
N ASP B 243 5.76 33.24 7.92
CA ASP B 243 6.21 32.16 7.04
C ASP B 243 7.33 31.42 7.76
N TRP B 244 7.28 30.09 7.73
CA TRP B 244 8.22 29.27 8.51
C TRP B 244 9.47 28.89 7.73
N LEU B 245 9.51 29.31 6.46
CA LEU B 245 10.74 29.31 5.66
C LEU B 245 11.56 30.53 6.08
N LEU B 246 12.70 30.72 5.43
CA LEU B 246 13.54 31.90 5.65
C LEU B 246 14.22 31.90 7.04
N TRP B 247 13.45 32.21 8.10
CA TRP B 247 14.02 32.25 9.45
C TRP B 247 14.42 30.86 9.90
N ASP B 248 15.43 30.80 10.77
CA ASP B 248 16.13 29.55 11.07
C ASP B 248 16.73 29.63 12.48
N PRO B 249 16.60 28.56 13.29
CA PRO B 249 17.26 28.54 14.59
C PRO B 249 18.76 28.84 14.48
N PRO B 250 19.28 29.69 15.38
CA PRO B 250 20.71 30.04 15.32
C PRO B 250 21.67 28.85 15.25
N VAL B 251 21.32 27.75 15.90
CA VAL B 251 22.17 26.53 15.88
C VAL B 251 22.31 25.99 14.44
N ALA B 252 21.27 26.13 13.63
CA ALA B 252 21.30 25.70 12.24
C ALA B 252 22.25 26.53 11.37
N GLN B 253 22.44 27.80 11.74
CA GLN B 253 23.34 28.70 11.01
C GLN B 253 24.83 28.43 11.30
N ASN B 254 25.10 27.75 12.41
CA ASN B 254 26.47 27.40 12.83
C ASN B 254 27.09 26.32 11.92
N PRO B 255 28.26 26.62 11.31
CA PRO B 255 28.91 25.62 10.45
C PRO B 255 29.53 24.43 11.22
N ASP B 256 29.94 24.66 12.46
CA ASP B 256 30.54 23.62 13.30
C ASP B 256 29.49 22.68 13.92
N SER B 257 28.22 23.01 13.73
CA SER B 257 27.11 22.16 14.16
C SER B 257 27.03 20.93 13.26
N SER B 258 26.55 19.83 13.81
CA SER B 258 26.37 18.60 13.04
C SER B 258 25.02 18.62 12.30
N PHE B 259 24.88 17.77 11.28
CA PHE B 259 23.63 17.64 10.54
C PHE B 259 22.48 17.30 11.48
N ASP B 260 22.70 16.33 12.36
CA ASP B 260 21.69 15.94 13.34
C ASP B 260 21.18 17.11 14.19
N ASP B 261 22.10 17.95 14.67
CA ASP B 261 21.74 19.12 15.48
C ASP B 261 20.84 20.09 14.68
N ARG B 262 21.21 20.33 13.43
CA ARG B 262 20.46 21.25 12.57
C ARG B 262 19.06 20.72 12.30
N GLY B 263 18.96 19.44 11.96
CA GLY B 263 17.69 18.81 11.68
C GLY B 263 16.78 18.75 12.88
N GLN B 264 17.33 18.38 14.03
CA GLN B 264 16.57 18.35 15.27
C GLN B 264 16.04 19.73 15.64
N ALA B 265 16.91 20.73 15.55
CA ALA B 265 16.55 22.11 15.90
C ALA B 265 15.46 22.65 14.99
N ARG B 266 15.61 22.43 13.68
CA ARG B 266 14.64 22.90 12.70
C ARG B 266 13.29 22.20 12.86
N TYR B 267 13.31 20.91 13.22
CA TYR B 267 12.07 20.18 13.49
C TYR B 267 11.36 20.75 14.72
N GLU B 268 12.10 20.84 15.82
CA GLU B 268 11.56 21.35 17.08
C GLU B 268 11.06 22.78 16.95
N ALA B 269 11.80 23.60 16.22
CA ALA B 269 11.39 24.99 15.97
C ALA B 269 10.08 25.07 15.19
N GLY B 270 9.97 24.27 14.13
CA GLY B 270 8.75 24.20 13.33
C GLY B 270 7.56 23.72 14.12
N ALA B 271 7.79 22.75 15.01
CA ALA B 271 6.73 22.20 15.85
C ALA B 271 6.22 23.23 16.86
N GLU B 272 7.16 23.92 17.51
CA GLU B 272 6.83 24.98 18.48
C GLU B 272 6.08 26.13 17.81
N PHE B 273 6.52 26.47 16.61
CA PHE B 273 5.91 27.54 15.82
C PHE B 273 4.41 27.31 15.60
N LEU B 274 4.04 26.08 15.25
CA LEU B 274 2.63 25.72 15.06
C LEU B 274 1.89 25.66 16.40
N ALA B 275 2.58 25.21 17.43
CA ALA B 275 2.00 25.08 18.78
C ALA B 275 1.67 26.42 19.43
N SER B 276 2.23 27.51 18.91
CA SER B 276 1.97 28.85 19.45
C SER B 276 0.53 29.33 19.20
N ALA B 277 -0.20 28.70 18.28
CA ALA B 277 -1.60 29.04 17.99
C ALA B 277 -2.58 27.98 18.48
N ARG B 278 -3.86 28.37 18.55
CA ARG B 278 -4.94 27.45 18.87
C ARG B 278 -5.50 26.77 17.61
N VAL B 279 -5.48 27.52 16.50
CA VAL B 279 -5.86 26.97 15.19
C VAL B 279 -4.83 27.41 14.17
N VAL B 280 -4.64 26.59 13.14
CA VAL B 280 -3.75 26.90 12.05
C VAL B 280 -4.51 26.88 10.73
N ILE B 281 -4.26 27.89 9.90
CA ILE B 281 -4.63 27.85 8.50
C ILE B 281 -3.31 27.71 7.75
N THR B 282 -3.19 26.71 6.88
CA THR B 282 -1.95 26.50 6.14
C THR B 282 -2.16 25.90 4.76
N ASP B 283 -1.21 26.20 3.88
CA ASP B 283 -1.16 25.58 2.55
C ASP B 283 0.12 24.75 2.39
N ARG B 284 0.69 24.32 3.51
CA ARG B 284 1.89 23.47 3.52
C ARG B 284 1.56 22.09 4.06
N LEU B 285 2.05 21.07 3.37
CA LEU B 285 1.73 19.68 3.68
C LEU B 285 2.20 19.27 5.07
N HIS B 286 3.39 19.70 5.46
CA HIS B 286 3.96 19.28 6.75
C HIS B 286 3.56 20.15 7.94
N ALA B 287 3.10 21.37 7.67
CA ALA B 287 2.38 22.13 8.67
C ALA B 287 1.09 21.38 8.99
N HIS B 288 0.46 20.87 7.94
CA HIS B 288 -0.76 20.07 8.04
C HIS B 288 -0.49 18.74 8.77
N ILE B 289 0.55 18.02 8.36
CA ILE B 289 0.88 16.74 9.00
C ILE B 289 1.23 16.91 10.47
N LEU B 290 2.14 17.84 10.77
CA LEU B 290 2.58 18.04 12.16
C LEU B 290 1.46 18.52 13.08
N SER B 291 0.61 19.43 12.59
CA SER B 291 -0.57 19.88 13.34
C SER B 291 -1.49 18.71 13.67
N THR B 292 -1.64 17.79 12.72
CA THR B 292 -2.43 16.59 12.93
C THR B 292 -1.83 15.73 14.05
N LEU B 293 -0.51 15.55 14.02
CA LEU B 293 0.17 14.73 15.02
C LEU B 293 0.12 15.37 16.42
N MET B 294 0.20 16.71 16.47
CA MET B 294 0.19 17.43 17.73
C MET B 294 -1.21 17.67 18.29
N GLY B 295 -2.24 17.42 17.50
CA GLY B 295 -3.62 17.59 17.95
C GLY B 295 -4.11 19.03 17.88
N ILE B 296 -3.47 19.83 17.03
CA ILE B 296 -3.89 21.21 16.81
C ILE B 296 -4.94 21.23 15.71
N PRO B 297 -6.14 21.77 15.99
CA PRO B 297 -7.12 21.93 14.92
C PRO B 297 -6.59 22.83 13.82
N HIS B 298 -6.93 22.53 12.56
CA HIS B 298 -6.40 23.30 11.44
C HIS B 298 -7.20 23.13 10.16
N ILE B 299 -7.20 24.17 9.34
CA ILE B 299 -7.82 24.15 8.02
C ILE B 299 -6.70 24.19 7.00
N VAL B 300 -6.78 23.35 5.98
CA VAL B 300 -5.77 23.31 4.93
C VAL B 300 -6.32 23.87 3.63
N VAL B 301 -5.51 24.67 2.95
CA VAL B 301 -5.91 25.33 1.70
C VAL B 301 -5.14 24.77 0.51
N GLU B 302 -5.89 24.18 -0.43
CA GLU B 302 -5.32 23.71 -1.69
C GLU B 302 -5.53 24.79 -2.74
N ASN B 303 -4.57 25.71 -2.81
CA ASN B 303 -4.64 26.85 -3.72
C ASN B 303 -3.76 26.71 -4.97
N SER B 304 -3.03 25.60 -5.06
CA SER B 304 -2.19 25.31 -6.24
C SER B 304 -2.89 24.31 -7.17
N GLN B 305 -2.34 24.16 -8.37
CA GLN B 305 -2.86 23.19 -9.35
C GLN B 305 -2.42 21.75 -9.12
N MET B 306 -1.16 21.61 -8.73
CA MET B 306 -0.43 20.32 -8.71
C MET B 306 -1.07 19.26 -7.80
N GLY B 307 -1.65 19.70 -6.69
CA GLY B 307 -2.23 18.81 -5.70
C GLY B 307 -1.24 18.60 -4.56
N LYS B 308 -0.52 19.65 -4.20
CA LYS B 308 0.56 19.58 -3.22
C LYS B 308 0.07 19.00 -1.88
N ILE B 309 -1.16 19.34 -1.52
CA ILE B 309 -1.79 18.84 -0.30
C ILE B 309 -2.68 17.65 -0.59
N THR B 310 -3.54 17.79 -1.60
CA THR B 310 -4.59 16.84 -1.87
C THR B 310 -4.13 15.46 -2.35
N ASN B 311 -2.97 15.37 -3.00
CA ASN B 311 -2.47 14.06 -3.44
C ASN B 311 -2.20 13.20 -2.20
N TYR B 312 -1.53 13.77 -1.21
CA TYR B 312 -1.24 13.04 0.02
C TYR B 312 -2.50 12.82 0.85
N HIS B 313 -3.26 13.90 1.06
CA HIS B 313 -4.43 13.86 1.92
C HIS B 313 -5.42 12.78 1.51
N ASN B 314 -5.72 12.72 0.22
CA ASN B 314 -6.69 11.75 -0.29
C ASN B 314 -6.17 10.32 -0.31
N THR B 315 -4.85 10.15 -0.30
CA THR B 315 -4.26 8.82 -0.19
C THR B 315 -4.41 8.25 1.21
N TRP B 316 -4.15 9.07 2.22
CA TRP B 316 -3.97 8.57 3.58
C TRP B 316 -4.87 9.12 4.68
N LEU B 317 -5.38 10.34 4.52
CA LEU B 317 -5.96 11.06 5.67
C LEU B 317 -7.48 11.25 5.64
N HIS B 318 -8.20 10.38 4.94
CA HIS B 318 -9.67 10.43 4.97
C HIS B 318 -10.21 10.37 6.40
N GLY B 319 -9.58 9.55 7.24
CA GLY B 319 -10.00 9.38 8.64
C GLY B 319 -9.73 10.56 9.56
N CYS B 320 -8.89 11.50 9.11
CA CYS B 320 -8.64 12.73 9.86
C CYS B 320 -9.40 13.92 9.28
N THR B 321 -10.24 13.67 8.27
CA THR B 321 -11.00 14.73 7.62
C THR B 321 -12.32 14.93 8.38
N LEU B 322 -12.25 15.63 9.50
CA LEU B 322 -13.40 15.80 10.40
C LEU B 322 -13.40 17.17 11.07
N ASP B 323 -14.58 17.61 11.50
CA ASP B 323 -14.72 18.90 12.20
C ASP B 323 -13.95 18.87 13.52
N GLY B 324 -13.18 19.93 13.77
CA GLY B 324 -12.33 20.01 14.95
C GLY B 324 -10.95 19.39 14.78
N VAL B 325 -10.80 18.54 13.77
CA VAL B 325 -9.54 17.85 13.53
C VAL B 325 -8.81 18.50 12.35
N SER B 326 -9.32 18.29 11.14
CA SER B 326 -8.69 18.83 9.93
C SER B 326 -9.65 18.78 8.74
N VAL B 327 -9.64 19.84 7.94
CA VAL B 327 -10.48 19.92 6.73
C VAL B 327 -9.72 20.63 5.62
N VAL B 328 -9.97 20.21 4.38
CA VAL B 328 -9.35 20.82 3.21
C VAL B 328 -10.36 21.70 2.49
N VAL B 329 -9.92 22.88 2.05
CA VAL B 329 -10.78 23.79 1.28
C VAL B 329 -9.99 24.38 0.11
N ASP B 330 -10.72 24.91 -0.87
CA ASP B 330 -10.11 25.37 -2.12
C ASP B 330 -9.56 26.80 -2.10
N SER B 331 -9.79 27.53 -1.01
CA SER B 331 -9.31 28.92 -0.90
C SER B 331 -9.19 29.39 0.54
N VAL B 332 -8.48 30.50 0.73
CA VAL B 332 -8.22 31.07 2.06
C VAL B 332 -9.50 31.73 2.61
N ASP B 333 -10.33 32.26 1.72
CA ASP B 333 -11.61 32.84 2.10
C ASP B 333 -12.53 31.79 2.70
N LYS B 334 -12.57 30.63 2.07
CA LYS B 334 -13.34 29.49 2.56
C LYS B 334 -12.84 29.03 3.92
N ALA B 335 -11.53 29.11 4.13
CA ALA B 335 -10.91 28.73 5.40
C ALA B 335 -11.37 29.62 6.56
N LEU B 336 -11.43 30.92 6.32
CA LEU B 336 -11.88 31.89 7.32
C LEU B 336 -13.34 31.65 7.70
N SER B 337 -14.18 31.45 6.70
CA SER B 337 -15.60 31.16 6.91
C SER B 337 -15.78 29.94 7.81
N LEU B 338 -15.06 28.86 7.51
CA LEU B 338 -15.13 27.63 8.29
C LEU B 338 -14.55 27.83 9.69
N LEU B 339 -13.49 28.63 9.79
CA LEU B 339 -12.89 28.96 11.09
C LEU B 339 -13.94 29.51 12.05
N LEU B 340 -14.79 30.41 11.55
CA LEU B 340 -15.83 31.02 12.38
C LEU B 340 -16.85 30.00 12.86
N GLU B 341 -17.26 29.08 11.98
CA GLU B 341 -18.15 27.99 12.35
C GLU B 341 -17.54 27.15 13.47
N TRP B 342 -16.23 26.92 13.37
CA TRP B 342 -15.49 26.16 14.37
C TRP B 342 -15.40 26.90 15.69
N ASN B 343 -15.26 28.22 15.61
CA ASN B 343 -15.20 29.06 16.81
C ASN B 343 -16.50 29.01 17.61
N GLU B 344 -17.64 29.19 16.93
CA GLU B 344 -18.94 29.14 17.59
C GLU B 344 -19.32 27.72 18.01
N ALA B 345 -18.74 26.73 17.35
CA ALA B 345 -18.90 25.33 17.78
C ALA B 345 -18.00 25.02 18.98
N GLY B 346 -16.92 25.79 19.14
CA GLY B 346 -15.98 25.61 20.24
C GLY B 346 -14.99 24.49 19.97
N TYR B 347 -14.63 24.32 18.70
CA TYR B 347 -13.67 23.28 18.31
C TYR B 347 -12.22 23.66 18.62
N PHE B 348 -11.98 24.91 19.01
CA PHE B 348 -10.68 25.32 19.49
C PHE B 348 -10.80 26.34 20.62
#